data_3CDK
#
_entry.id   3CDK
#
_cell.length_a   69.337
_cell.length_b   70.404
_cell.length_c   97.996
_cell.angle_alpha   90.00
_cell.angle_beta   106.31
_cell.angle_gamma   90.00
#
_symmetry.space_group_name_H-M   'P 1 2 1'
#
loop_
_entity.id
_entity.type
_entity.pdbx_description
1 polymer 'Succinyl-CoA:3-ketoacid-coenzyme A transferase subunit A'
2 polymer 'Succinyl-CoA:3-ketoacid-coenzyme A transferase subunit B'
3 water water
#
loop_
_entity_poly.entity_id
_entity_poly.type
_entity_poly.pdbx_seq_one_letter_code
_entity_poly.pdbx_strand_id
1 'polypeptide(L)'
;SNAMGKVLSSSKEAAKLIHDGDTLIAGGFGLCGIPEQLILSIRDQGVKDLTVVSNNCGVDDWGLGLLLANKQIKKMIASY
VGENKIFERQFLSGELEVELVPQGTLAERIRAGGAGIPGFYTATGVGTSIAEGKEHKTFGGRTYVLERGITGDVAIVKAW
KADTMGNLIFRKTARNFNPIAAMAGKITIAEAEEIVEAGELDPDHIHTPGIYVQHVVLGASQEKRIEKRTVQQASGKGEA
K
;
A,C
2 'polypeptide(L)'
;SNAMKEARKRMVKRAVQEIKDGMNVNLGIGMPTLVANEIPDGVHVMLQSENGLLGIGPYPLEGTEDADLINAGKETITEV
TGASYFDSAESFAMIRGGHIDLAILGGMEVSEQGDLANWMIPGKMVKGMGGAMDLVNGAKRIVVIMEHVNKHGESKVKKT
CSLPLTGQKVVHRLITDLAVFDFVNGRMTLTELQDGVTIEEVYEKTEADFAVSQSVLNS
;
B,D
#
# COMPACT_ATOMS: atom_id res chain seq x y z
N GLY A 5 19.60 -4.76 -21.88
CA GLY A 5 18.44 -4.97 -20.93
C GLY A 5 17.51 -3.77 -20.87
N LYS A 6 17.22 -3.30 -19.66
CA LYS A 6 16.42 -2.12 -19.51
C LYS A 6 17.36 -0.89 -19.47
N VAL A 7 18.67 -1.15 -19.48
CA VAL A 7 19.72 -0.13 -19.20
C VAL A 7 20.03 0.85 -20.35
N LEU A 8 19.99 2.13 -20.02
CA LEU A 8 20.40 3.20 -20.93
C LEU A 8 21.78 3.76 -20.59
N SER A 9 22.53 4.06 -21.64
CA SER A 9 23.90 4.53 -21.52
C SER A 9 24.07 5.81 -20.73
N SER A 10 23.12 6.74 -20.84
CA SER A 10 23.25 8.01 -20.11
C SER A 10 21.95 8.67 -19.76
N SER A 11 22.01 9.51 -18.73
CA SER A 11 20.88 10.34 -18.31
C SER A 11 20.39 11.25 -19.44
N LYS A 12 21.30 11.67 -20.34
CA LYS A 12 20.94 12.52 -21.46
C LYS A 12 19.84 11.86 -22.26
N GLU A 13 20.14 10.66 -22.74
CA GLU A 13 19.22 9.86 -23.52
C GLU A 13 17.92 9.80 -22.78
N ALA A 14 18.00 9.25 -21.57
CA ALA A 14 16.86 9.08 -20.68
C ALA A 14 15.98 10.35 -20.55
N ALA A 15 16.62 11.52 -20.54
CA ALA A 15 15.89 12.76 -20.37
C ALA A 15 15.01 13.12 -21.56
N LYS A 16 15.34 12.58 -22.73
CA LYS A 16 14.58 12.81 -23.97
C LYS A 16 13.16 12.23 -23.90
N LEU A 17 12.96 11.32 -22.97
CA LEU A 17 11.67 10.69 -22.69
C LEU A 17 10.74 11.58 -21.89
N ILE A 18 11.20 12.77 -21.48
CA ILE A 18 10.29 13.74 -20.85
C ILE A 18 9.99 14.80 -21.89
N HIS A 19 8.71 15.17 -22.08
CA HIS A 19 8.30 16.20 -23.08
C HIS A 19 7.58 17.40 -22.49
N ASP A 20 7.59 18.50 -23.25
CA ASP A 20 6.86 19.73 -22.89
C ASP A 20 5.44 19.41 -22.42
N GLY A 21 5.13 19.74 -21.16
CA GLY A 21 3.78 19.56 -20.64
C GLY A 21 3.53 18.28 -19.85
N ASP A 22 4.55 17.46 -19.65
CA ASP A 22 4.31 16.19 -19.01
C ASP A 22 4.08 16.35 -17.52
N THR A 23 3.49 15.30 -16.94
CA THR A 23 3.39 15.15 -15.52
C THR A 23 4.61 14.32 -15.13
N LEU A 24 5.48 14.90 -14.33
CA LEU A 24 6.68 14.24 -13.83
C LEU A 24 6.40 13.92 -12.38
N ILE A 25 6.69 12.69 -12.00
CA ILE A 25 6.55 12.25 -10.64
C ILE A 25 7.93 11.81 -10.19
N ALA A 26 8.35 12.33 -9.06
CA ALA A 26 9.75 12.25 -8.70
C ALA A 26 9.83 11.79 -7.28
N GLY A 27 10.68 10.77 -7.08
CA GLY A 27 10.95 10.24 -5.76
C GLY A 27 11.70 11.23 -4.93
N GLY A 28 11.99 10.85 -3.69
CA GLY A 28 12.81 11.66 -2.82
C GLY A 28 12.00 12.39 -1.77
N PHE A 29 12.63 12.49 -0.61
CA PHE A 29 12.17 13.26 0.50
C PHE A 29 13.33 14.21 0.93
N GLY A 30 13.10 15.52 0.81
CA GLY A 30 14.18 16.49 1.02
C GLY A 30 15.20 16.33 -0.08
N LEU A 31 16.48 16.16 0.32
CA LEU A 31 17.55 15.82 -0.63
C LEU A 31 17.87 14.32 -0.58
N CYS A 32 17.03 13.54 0.06
CA CYS A 32 17.34 12.18 0.35
C CYS A 32 16.56 11.29 -0.59
N GLY A 33 17.27 10.45 -1.34
CA GLY A 33 16.62 9.45 -2.17
C GLY A 33 16.05 10.13 -3.39
N ILE A 34 16.77 11.15 -3.84
CA ILE A 34 16.32 11.92 -4.97
C ILE A 34 17.12 11.55 -6.23
N PRO A 35 16.45 11.55 -7.39
CA PRO A 35 17.23 11.35 -8.65
C PRO A 35 18.01 12.61 -9.13
N GLU A 36 19.06 13.00 -8.41
CA GLU A 36 19.88 14.17 -8.77
C GLU A 36 20.35 14.20 -10.22
N GLN A 37 20.77 13.05 -10.75
CA GLN A 37 21.33 13.00 -12.11
C GLN A 37 20.25 13.17 -13.16
N LEU A 38 19.13 12.45 -13.03
CA LEU A 38 18.05 12.63 -13.98
C LEU A 38 17.58 14.07 -14.05
N ILE A 39 17.49 14.72 -12.88
CA ILE A 39 17.05 16.08 -12.78
C ILE A 39 17.99 17.04 -13.50
N LEU A 40 19.29 16.78 -13.37
CA LEU A 40 20.28 17.62 -14.02
C LEU A 40 20.10 17.50 -15.51
N SER A 41 19.93 16.26 -15.97
CA SER A 41 19.81 16.02 -17.40
C SER A 41 18.56 16.70 -17.94
N ILE A 42 17.52 16.71 -17.12
CA ILE A 42 16.26 17.35 -17.46
C ILE A 42 16.49 18.85 -17.55
N ARG A 43 17.08 19.46 -16.53
N ARG A 43 17.07 19.46 -16.52
CA ARG A 43 17.39 20.88 -16.62
CA ARG A 43 17.45 20.88 -16.61
C ARG A 43 18.09 21.22 -17.95
C ARG A 43 18.04 21.16 -17.99
N ASP A 44 19.15 20.51 -18.31
CA ASP A 44 19.87 20.73 -19.58
C ASP A 44 19.01 20.60 -20.84
N GLN A 45 18.10 19.63 -20.86
CA GLN A 45 17.22 19.44 -22.04
C GLN A 45 16.30 20.64 -22.26
N GLY A 46 15.99 21.37 -21.18
CA GLY A 46 15.21 22.62 -21.28
C GLY A 46 13.70 22.42 -21.36
N VAL A 47 13.25 21.18 -21.28
CA VAL A 47 11.85 20.85 -21.38
C VAL A 47 10.98 21.79 -20.51
N LYS A 48 9.75 22.11 -20.92
CA LYS A 48 8.98 23.10 -20.14
C LYS A 48 7.51 22.77 -19.86
N ASP A 49 6.83 23.70 -19.20
CA ASP A 49 5.47 23.51 -18.64
C ASP A 49 5.23 22.16 -17.95
N LEU A 50 6.19 21.73 -17.18
CA LEU A 50 5.98 20.55 -16.41
C LEU A 50 5.03 20.79 -15.23
N THR A 51 4.18 19.79 -14.97
CA THR A 51 3.46 19.69 -13.72
C THR A 51 4.33 18.68 -12.98
N VAL A 52 4.92 19.05 -11.84
CA VAL A 52 5.74 18.05 -11.17
C VAL A 52 5.10 17.75 -9.81
N VAL A 53 5.04 16.44 -9.56
CA VAL A 53 4.52 15.86 -8.36
C VAL A 53 5.70 15.27 -7.62
N SER A 54 5.99 15.83 -6.47
CA SER A 54 7.01 15.24 -5.65
C SER A 54 6.75 15.75 -4.26
N ASN A 55 7.23 15.03 -3.27
CA ASN A 55 7.00 15.44 -1.90
C ASN A 55 7.40 16.87 -1.58
N ASN A 56 8.66 17.21 -1.90
CA ASN A 56 9.16 18.59 -1.79
C ASN A 56 9.73 19.04 -3.15
N CYS A 57 10.25 20.25 -3.18
CA CYS A 57 10.91 20.80 -4.37
C CYS A 57 12.42 20.96 -4.14
N GLY A 58 13.06 19.90 -3.63
CA GLY A 58 14.50 19.91 -3.35
C GLY A 58 14.92 21.12 -2.54
N VAL A 59 16.05 21.70 -2.91
CA VAL A 59 16.43 23.03 -2.43
C VAL A 59 16.53 23.95 -3.65
N ASP A 60 16.73 25.24 -3.47
CA ASP A 60 16.77 26.13 -4.66
C ASP A 60 17.98 25.91 -5.51
N ASP A 61 18.89 25.13 -4.95
CA ASP A 61 20.22 24.82 -5.42
C ASP A 61 20.28 23.40 -6.03
N TRP A 62 19.47 22.48 -5.53
CA TRP A 62 19.70 21.08 -5.82
C TRP A 62 18.38 20.37 -5.88
N GLY A 63 18.36 19.26 -6.61
CA GLY A 63 17.12 18.54 -6.87
C GLY A 63 16.12 19.38 -7.66
N LEU A 64 14.86 19.22 -7.33
CA LEU A 64 13.77 19.75 -8.15
C LEU A 64 13.84 21.27 -8.28
N GLY A 65 14.56 21.89 -7.35
CA GLY A 65 14.69 23.35 -7.28
C GLY A 65 15.42 23.85 -8.49
N LEU A 66 16.18 22.96 -9.12
CA LEU A 66 16.85 23.29 -10.36
C LEU A 66 15.86 23.47 -11.49
N LEU A 67 14.79 22.71 -11.49
CA LEU A 67 13.80 22.88 -12.52
C LEU A 67 13.04 24.20 -12.34
N LEU A 68 12.73 24.47 -11.08
CA LEU A 68 12.01 25.66 -10.69
C LEU A 68 12.80 26.87 -11.14
N ALA A 69 14.09 26.86 -10.85
CA ALA A 69 14.90 28.06 -11.10
C ALA A 69 15.27 28.24 -12.58
N ASN A 70 15.09 27.21 -13.40
CA ASN A 70 15.25 27.36 -14.86
C ASN A 70 13.90 27.67 -15.56
N LYS A 71 12.84 27.84 -14.76
CA LYS A 71 11.48 28.18 -15.23
C LYS A 71 10.73 27.08 -15.97
N GLN A 72 10.96 25.83 -15.57
CA GLN A 72 10.51 24.64 -16.31
C GLN A 72 9.19 24.07 -15.81
N ILE A 73 8.71 24.58 -14.70
CA ILE A 73 7.53 24.03 -14.04
C ILE A 73 6.34 24.98 -14.09
N LYS A 74 5.25 24.49 -14.66
CA LYS A 74 3.98 25.19 -14.70
C LYS A 74 3.28 25.04 -13.35
N LYS A 75 3.35 23.85 -12.79
CA LYS A 75 2.60 23.53 -11.62
C LYS A 75 3.34 22.52 -10.73
N MET A 76 3.33 22.76 -9.41
CA MET A 76 3.89 21.86 -8.42
C MET A 76 2.80 21.23 -7.56
N ILE A 77 2.88 19.91 -7.40
CA ILE A 77 2.06 19.24 -6.44
C ILE A 77 2.99 18.60 -5.41
N ALA A 78 2.83 19.06 -4.17
CA ALA A 78 3.78 18.74 -3.07
C ALA A 78 3.11 18.92 -1.71
N SER A 79 3.76 18.42 -0.66
CA SER A 79 3.24 18.54 0.69
C SER A 79 3.92 19.71 1.42
N TYR A 80 5.11 20.04 0.99
CA TYR A 80 5.93 21.02 1.70
C TYR A 80 6.98 21.65 0.79
N VAL A 81 7.09 22.97 0.86
CA VAL A 81 7.94 23.73 -0.07
C VAL A 81 9.32 24.03 0.47
N GLY A 82 9.38 24.57 1.69
CA GLY A 82 10.66 24.87 2.31
C GLY A 82 11.12 26.31 2.10
N GLU A 83 12.41 26.47 1.80
CA GLU A 83 13.03 27.80 1.82
C GLU A 83 13.44 28.29 0.43
N ASN A 84 12.54 28.13 -0.54
CA ASN A 84 12.83 28.55 -1.90
C ASN A 84 12.39 29.99 -2.21
N LYS A 85 13.35 30.90 -2.25
CA LYS A 85 13.05 32.28 -2.61
C LYS A 85 12.83 32.43 -4.13
N ILE A 86 13.22 31.41 -4.88
CA ILE A 86 12.76 31.28 -6.26
C ILE A 86 11.30 30.81 -6.26
N PHE A 87 10.94 29.98 -5.26
CA PHE A 87 9.61 29.44 -5.20
C PHE A 87 8.54 30.51 -4.99
N GLU A 88 8.78 31.37 -4.00
CA GLU A 88 7.73 32.26 -3.52
C GLU A 88 7.25 33.26 -4.57
N ARG A 89 8.15 33.65 -5.46
CA ARG A 89 7.88 34.76 -6.37
C ARG A 89 7.30 34.32 -7.72
N GLN A 90 7.51 33.06 -8.07
CA GLN A 90 6.86 32.50 -9.24
C GLN A 90 5.38 32.26 -8.95
N PHE A 91 5.11 31.72 -7.77
CA PHE A 91 3.75 31.55 -7.28
C PHE A 91 2.99 32.88 -7.28
N LEU A 92 3.48 33.82 -6.49
CA LEU A 92 2.90 35.16 -6.39
C LEU A 92 2.72 35.88 -7.73
N SER A 93 3.39 35.39 -8.78
CA SER A 93 3.29 35.98 -10.12
C SER A 93 2.12 35.45 -10.94
N GLY A 94 1.53 34.34 -10.48
CA GLY A 94 0.48 33.63 -11.21
C GLY A 94 1.08 32.59 -12.15
N GLU A 95 2.37 32.77 -12.46
CA GLU A 95 3.09 31.88 -13.39
C GLU A 95 3.45 30.50 -12.81
N LEU A 96 3.30 30.33 -11.49
CA LEU A 96 3.41 28.98 -10.87
C LEU A 96 2.20 28.59 -10.04
N GLU A 97 1.45 27.61 -10.51
N GLU A 97 1.46 27.61 -10.53
CA GLU A 97 0.35 27.11 -9.73
CA GLU A 97 0.38 27.03 -9.76
C GLU A 97 0.82 25.99 -8.78
C GLU A 97 0.95 26.05 -8.73
N VAL A 98 0.40 26.09 -7.52
CA VAL A 98 0.82 25.18 -6.48
C VAL A 98 -0.39 24.44 -5.93
N GLU A 99 -0.29 23.13 -5.75
CA GLU A 99 -1.29 22.33 -5.04
C GLU A 99 -0.60 21.71 -3.84
N LEU A 100 -0.74 22.34 -2.67
CA LEU A 100 -0.23 21.72 -1.44
C LEU A 100 -1.21 20.64 -1.00
N VAL A 101 -0.72 19.42 -0.79
CA VAL A 101 -1.51 18.21 -0.59
C VAL A 101 -0.94 17.54 0.64
N PRO A 102 -1.81 17.05 1.56
CA PRO A 102 -1.26 16.44 2.76
C PRO A 102 -0.42 15.26 2.38
N GLN A 103 0.76 15.18 2.97
CA GLN A 103 1.77 14.18 2.65
C GLN A 103 1.22 12.75 2.56
N GLY A 104 0.45 12.34 3.56
CA GLY A 104 -0.12 11.01 3.55
C GLY A 104 -1.09 10.82 2.40
N THR A 105 -1.85 11.88 2.11
CA THR A 105 -2.73 11.89 0.96
C THR A 105 -1.94 11.87 -0.35
N LEU A 106 -0.83 12.61 -0.41
CA LEU A 106 0.00 12.56 -1.62
C LEU A 106 0.57 11.18 -1.89
N ALA A 107 1.19 10.56 -0.89
CA ALA A 107 1.61 9.15 -1.02
C ALA A 107 0.46 8.24 -1.51
N GLU A 108 -0.67 8.26 -0.83
CA GLU A 108 -1.72 7.31 -1.18
C GLU A 108 -2.33 7.63 -2.54
N ARG A 109 -2.17 8.86 -3.01
CA ARG A 109 -2.72 9.21 -4.29
C ARG A 109 -1.87 8.66 -5.40
N ILE A 110 -0.56 8.71 -5.21
CA ILE A 110 0.35 8.20 -6.22
C ILE A 110 0.24 6.72 -6.25
N ARG A 111 0.21 6.12 -5.07
CA ARG A 111 -0.04 4.66 -5.02
C ARG A 111 -1.34 4.35 -5.78
N ALA A 112 -2.39 5.09 -5.46
CA ALA A 112 -3.70 4.81 -5.99
C ALA A 112 -3.65 4.72 -7.54
N GLY A 113 -3.06 5.75 -8.16
CA GLY A 113 -3.02 5.89 -9.58
C GLY A 113 -2.27 4.73 -10.20
N GLY A 114 -1.11 4.43 -9.61
CA GLY A 114 -0.39 3.24 -9.95
C GLY A 114 -1.14 1.94 -9.72
N ALA A 115 -2.05 1.93 -8.76
CA ALA A 115 -2.72 0.69 -8.40
C ALA A 115 -4.07 0.51 -9.08
N GLY A 116 -4.42 1.44 -9.95
CA GLY A 116 -5.70 1.41 -10.64
C GLY A 116 -6.84 1.97 -9.80
N ILE A 117 -6.58 2.49 -8.61
CA ILE A 117 -7.68 3.08 -7.78
C ILE A 117 -7.94 4.54 -8.21
N PRO A 118 -9.11 4.81 -8.84
CA PRO A 118 -9.36 6.21 -9.23
C PRO A 118 -9.58 7.15 -8.05
N GLY A 119 -10.02 6.61 -6.90
CA GLY A 119 -10.34 7.44 -5.75
C GLY A 119 -10.43 6.61 -4.49
N PHE A 120 -10.24 7.23 -3.33
CA PHE A 120 -10.41 6.55 -2.04
C PHE A 120 -10.67 7.63 -1.00
N TYR A 121 -11.19 7.22 0.15
CA TYR A 121 -11.65 8.16 1.14
C TYR A 121 -10.67 8.22 2.25
N THR A 122 -10.51 9.39 2.84
CA THR A 122 -9.65 9.54 3.98
C THR A 122 -10.22 10.64 4.89
N ALA A 123 -9.85 10.60 6.17
CA ALA A 123 -10.21 11.61 7.16
C ALA A 123 -9.25 12.80 7.12
N THR A 124 -8.05 12.59 6.59
CA THR A 124 -7.06 13.63 6.53
C THR A 124 -7.56 14.84 5.79
N GLY A 125 -7.51 16.00 6.42
CA GLY A 125 -8.01 17.22 5.76
C GLY A 125 -9.48 17.60 5.94
N VAL A 126 -10.31 16.69 6.43
CA VAL A 126 -11.69 17.03 6.72
C VAL A 126 -11.78 18.33 7.56
N GLY A 127 -12.79 19.17 7.29
CA GLY A 127 -12.98 20.50 7.93
C GLY A 127 -11.86 21.52 7.73
N THR A 128 -11.10 21.34 6.66
CA THR A 128 -9.91 22.07 6.32
C THR A 128 -10.10 22.51 4.86
N SER A 129 -9.33 23.51 4.40
N SER A 129 -9.34 23.52 4.39
CA SER A 129 -9.35 23.99 3.00
CA SER A 129 -9.38 23.96 2.99
C SER A 129 -9.04 22.88 1.98
C SER A 129 -9.07 22.86 1.97
N ILE A 130 -8.47 21.79 2.47
CA ILE A 130 -8.06 20.68 1.65
C ILE A 130 -9.29 19.93 1.20
N ALA A 131 -10.35 20.00 2.01
CA ALA A 131 -11.64 19.36 1.75
C ALA A 131 -12.43 20.03 0.61
N GLU A 132 -12.05 21.24 0.24
CA GLU A 132 -12.87 22.01 -0.68
C GLU A 132 -13.00 21.30 -2.02
N GLY A 133 -14.23 21.26 -2.55
CA GLY A 133 -14.59 20.58 -3.81
C GLY A 133 -14.39 19.07 -3.85
N LYS A 134 -14.11 18.44 -2.71
CA LYS A 134 -14.01 16.98 -2.72
C LYS A 134 -15.32 16.35 -2.20
N GLU A 135 -15.60 15.14 -2.62
CA GLU A 135 -16.76 14.40 -2.09
C GLU A 135 -16.59 14.12 -0.61
N HIS A 136 -17.65 14.38 0.14
CA HIS A 136 -17.67 14.06 1.56
C HIS A 136 -18.63 12.88 1.74
N LYS A 137 -18.22 11.85 2.48
CA LYS A 137 -19.09 10.70 2.76
C LYS A 137 -18.90 10.23 4.20
N THR A 138 -19.98 9.74 4.82
CA THR A 138 -20.00 9.24 6.21
C THR A 138 -19.79 7.75 6.27
N PHE A 139 -18.83 7.31 7.08
CA PHE A 139 -18.57 5.89 7.33
C PHE A 139 -18.49 5.69 8.83
N GLY A 140 -19.24 4.72 9.35
CA GLY A 140 -19.36 4.55 10.79
C GLY A 140 -19.46 5.87 11.54
N GLY A 141 -20.45 6.70 11.18
CA GLY A 141 -20.68 7.97 11.88
C GLY A 141 -19.63 9.08 11.80
N ARG A 142 -18.62 8.93 10.94
CA ARG A 142 -17.60 9.97 10.78
C ARG A 142 -17.36 10.37 9.30
N THR A 143 -16.99 11.63 9.09
CA THR A 143 -16.77 12.22 7.77
C THR A 143 -15.38 11.93 7.11
N TYR A 144 -15.40 11.49 5.85
CA TYR A 144 -14.23 11.36 5.06
C TYR A 144 -14.42 12.11 3.76
N VAL A 145 -13.28 12.46 3.17
CA VAL A 145 -13.20 13.17 1.92
C VAL A 145 -12.62 12.26 0.83
N LEU A 146 -13.11 12.37 -0.41
CA LEU A 146 -12.55 11.57 -1.56
C LEU A 146 -11.30 12.18 -2.19
N GLU A 147 -10.26 11.39 -2.34
CA GLU A 147 -9.00 11.81 -2.98
C GLU A 147 -8.75 10.96 -4.21
N ARG A 148 -8.25 11.57 -5.27
CA ARG A 148 -8.23 10.95 -6.60
C ARG A 148 -6.84 10.45 -6.95
N GLY A 149 -6.74 9.21 -7.45
CA GLY A 149 -5.44 8.65 -7.92
C GLY A 149 -4.71 9.63 -8.83
N ILE A 150 -3.40 9.80 -8.61
CA ILE A 150 -2.55 10.58 -9.53
C ILE A 150 -1.70 9.67 -10.41
N THR A 151 -1.57 10.06 -11.66
CA THR A 151 -0.86 9.29 -12.67
C THR A 151 0.02 10.25 -13.43
N GLY A 152 1.17 9.75 -13.88
CA GLY A 152 2.12 10.58 -14.56
C GLY A 152 2.54 10.02 -15.91
N ASP A 153 2.94 10.93 -16.78
CA ASP A 153 3.58 10.61 -18.05
C ASP A 153 4.96 10.01 -17.83
N VAL A 154 5.74 10.61 -16.94
CA VAL A 154 7.04 10.04 -16.59
C VAL A 154 7.20 10.03 -15.07
N ALA A 155 7.74 8.95 -14.54
CA ALA A 155 8.24 8.90 -13.17
C ALA A 155 9.77 8.82 -13.13
N ILE A 156 10.36 9.56 -12.20
CA ILE A 156 11.79 9.59 -12.12
C ILE A 156 12.14 9.17 -10.70
N VAL A 157 12.92 8.10 -10.56
CA VAL A 157 13.12 7.53 -9.21
C VAL A 157 14.53 7.08 -8.92
N LYS A 158 14.90 7.12 -7.66
CA LYS A 158 16.28 6.88 -7.25
C LYS A 158 16.38 5.56 -6.46
N ALA A 159 17.29 4.65 -6.87
CA ALA A 159 17.54 3.41 -6.09
C ALA A 159 18.97 3.18 -5.58
N TRP A 160 19.09 2.44 -4.49
CA TRP A 160 20.40 1.93 -4.06
C TRP A 160 20.98 0.99 -5.14
N LYS A 161 20.20 -0.04 -5.49
CA LYS A 161 20.60 -0.92 -6.59
C LYS A 161 19.44 -1.19 -7.55
N ALA A 162 19.81 -1.47 -8.79
CA ALA A 162 18.88 -1.94 -9.78
C ALA A 162 19.55 -3.11 -10.46
N ASP A 163 18.76 -4.08 -10.92
CA ASP A 163 19.29 -5.03 -11.89
C ASP A 163 18.83 -4.67 -13.32
N THR A 164 19.44 -5.31 -14.32
CA THR A 164 19.12 -5.00 -15.72
C THR A 164 17.67 -5.27 -16.13
N MET A 165 16.90 -5.94 -15.27
CA MET A 165 15.46 -6.09 -15.50
C MET A 165 14.62 -5.09 -14.72
N GLY A 166 15.28 -4.11 -14.12
CA GLY A 166 14.57 -2.99 -13.53
C GLY A 166 14.11 -3.18 -12.09
N ASN A 167 14.49 -4.31 -11.48
CA ASN A 167 14.23 -4.53 -10.08
C ASN A 167 15.04 -3.60 -9.21
N LEU A 168 14.40 -3.00 -8.22
CA LEU A 168 15.02 -1.97 -7.38
C LEU A 168 15.08 -2.39 -5.92
N ILE A 169 16.17 -2.07 -5.25
CA ILE A 169 16.21 -2.08 -3.79
C ILE A 169 16.61 -0.69 -3.32
N PHE A 170 16.04 -0.26 -2.21
CA PHE A 170 16.34 1.05 -1.63
C PHE A 170 17.05 0.93 -0.30
N ARG A 171 17.41 2.07 0.28
CA ARG A 171 18.35 2.10 1.38
C ARG A 171 17.87 3.09 2.43
N LYS A 172 17.65 2.60 3.65
CA LYS A 172 17.22 3.44 4.76
C LYS A 172 16.04 4.31 4.36
N THR A 173 16.10 5.59 4.68
CA THR A 173 14.97 6.48 4.45
C THR A 173 15.01 7.11 3.06
N ALA A 174 16.03 6.77 2.29
CA ALA A 174 16.07 7.09 0.85
C ALA A 174 14.97 6.44 0.04
N ARG A 175 14.21 5.55 0.65
CA ARG A 175 13.07 4.84 0.00
C ARG A 175 11.84 5.74 -0.24
N ASN A 176 11.27 6.27 0.85
CA ASN A 176 10.21 7.25 0.79
C ASN A 176 9.22 7.08 -0.32
N PHE A 177 9.20 8.02 -1.29
CA PHE A 177 8.19 8.03 -2.37
C PHE A 177 8.64 7.24 -3.61
N ASN A 178 9.91 6.84 -3.64
CA ASN A 178 10.49 6.26 -4.87
C ASN A 178 9.68 5.03 -5.38
N PRO A 179 9.36 4.07 -4.48
CA PRO A 179 8.65 2.88 -4.94
C PRO A 179 7.25 3.19 -5.42
N ILE A 180 6.58 4.11 -4.75
CA ILE A 180 5.21 4.36 -5.11
C ILE A 180 5.15 5.17 -6.39
N ALA A 181 6.15 6.05 -6.57
CA ALA A 181 6.27 6.80 -7.80
C ALA A 181 6.59 5.87 -8.99
N ALA A 182 7.50 4.93 -8.78
CA ALA A 182 7.83 3.96 -9.83
C ALA A 182 6.55 3.37 -10.47
N MET A 183 5.54 3.09 -9.64
CA MET A 183 4.25 2.53 -10.06
C MET A 183 3.36 3.43 -10.90
N ALA A 184 3.26 4.70 -10.52
CA ALA A 184 2.36 5.66 -11.14
C ALA A 184 2.83 6.25 -12.44
N GLY A 185 4.02 5.88 -12.91
CA GLY A 185 4.57 6.50 -14.12
C GLY A 185 4.32 5.66 -15.36
N LYS A 186 3.71 6.28 -16.37
CA LYS A 186 3.62 5.70 -17.71
C LYS A 186 4.99 5.23 -18.19
N ILE A 187 6.02 6.07 -18.01
CA ILE A 187 7.43 5.67 -18.26
C ILE A 187 8.25 5.91 -17.01
N THR A 188 8.85 4.86 -16.49
CA THR A 188 9.52 4.93 -15.21
C THR A 188 11.00 4.72 -15.45
N ILE A 189 11.77 5.72 -15.03
CA ILE A 189 13.22 5.71 -15.16
C ILE A 189 13.86 5.65 -13.77
N ALA A 190 14.65 4.61 -13.56
CA ALA A 190 15.29 4.42 -12.27
C ALA A 190 16.73 4.81 -12.36
N GLU A 191 17.12 5.76 -11.54
CA GLU A 191 18.52 6.13 -11.39
C GLU A 191 19.12 5.35 -10.21
N ALA A 192 20.21 4.63 -10.45
CA ALA A 192 20.82 3.74 -9.47
C ALA A 192 22.32 3.95 -9.19
N GLU A 193 22.74 3.63 -7.98
CA GLU A 193 24.13 3.78 -7.59
C GLU A 193 24.94 2.56 -8.01
N GLU A 194 24.25 1.43 -8.14
CA GLU A 194 24.83 0.18 -8.61
C GLU A 194 23.84 -0.43 -9.55
N ILE A 195 24.30 -0.89 -10.70
CA ILE A 195 23.48 -1.69 -11.61
C ILE A 195 24.07 -3.09 -11.59
N VAL A 196 23.35 -4.06 -11.05
CA VAL A 196 23.85 -5.44 -11.04
C VAL A 196 23.18 -6.26 -12.14
N GLU A 197 23.70 -7.46 -12.36
CA GLU A 197 23.11 -8.39 -13.31
C GLU A 197 21.89 -9.04 -12.66
N ALA A 198 20.90 -9.38 -13.49
CA ALA A 198 19.67 -9.99 -13.00
C ALA A 198 19.95 -11.33 -12.32
N GLY A 199 19.64 -11.40 -11.03
CA GLY A 199 19.97 -12.55 -10.19
C GLY A 199 20.82 -12.24 -8.97
N GLU A 200 21.46 -11.07 -8.93
CA GLU A 200 22.17 -10.68 -7.71
C GLU A 200 21.22 -10.17 -6.63
N LEU A 201 20.01 -9.78 -7.02
CA LEU A 201 19.08 -9.36 -6.02
C LEU A 201 18.16 -10.50 -5.56
N ASP A 202 18.27 -10.83 -4.29
CA ASP A 202 17.42 -11.82 -3.75
C ASP A 202 15.99 -11.33 -4.02
N PRO A 203 15.13 -12.23 -4.55
CA PRO A 203 13.76 -11.85 -4.90
C PRO A 203 12.97 -11.43 -3.68
N ASP A 204 13.37 -11.92 -2.51
CA ASP A 204 12.76 -11.49 -1.24
C ASP A 204 13.33 -10.21 -0.66
N HIS A 205 14.34 -9.64 -1.32
CA HIS A 205 14.90 -8.38 -0.91
C HIS A 205 14.26 -7.30 -1.72
N ILE A 206 14.11 -7.53 -3.02
CA ILE A 206 13.55 -6.55 -3.96
C ILE A 206 12.40 -5.69 -3.44
N HIS A 207 12.55 -4.38 -3.51
CA HIS A 207 11.45 -3.53 -3.04
C HIS A 207 10.47 -3.09 -4.10
N THR A 208 10.96 -2.81 -5.31
CA THR A 208 10.04 -2.57 -6.41
C THR A 208 10.34 -3.53 -7.55
N PRO A 209 9.42 -4.47 -7.78
CA PRO A 209 9.54 -5.39 -8.89
C PRO A 209 9.78 -4.66 -10.22
N GLY A 210 10.61 -5.30 -11.02
CA GLY A 210 10.99 -4.86 -12.37
C GLY A 210 9.86 -4.42 -13.25
N ILE A 211 8.68 -5.04 -13.15
CA ILE A 211 7.54 -4.64 -13.99
C ILE A 211 7.23 -3.12 -13.98
N TYR A 212 7.52 -2.43 -12.88
CA TYR A 212 7.19 -1.00 -12.74
C TYR A 212 8.20 -0.05 -13.40
N VAL A 213 9.33 -0.59 -13.82
CA VAL A 213 10.44 0.22 -14.23
C VAL A 213 10.71 -0.10 -15.69
N GLN A 214 10.71 0.92 -16.53
CA GLN A 214 10.92 0.63 -17.96
C GLN A 214 12.30 0.95 -18.50
N HIS A 215 13.00 1.87 -17.84
CA HIS A 215 14.40 2.16 -18.10
C HIS A 215 15.19 2.33 -16.79
N VAL A 216 16.52 2.27 -16.89
CA VAL A 216 17.46 2.28 -15.75
C VAL A 216 18.75 3.00 -16.10
N VAL A 217 19.25 3.85 -15.21
CA VAL A 217 20.56 4.49 -15.45
C VAL A 217 21.46 4.42 -14.24
N LEU A 218 22.74 4.55 -14.50
CA LEU A 218 23.69 4.63 -13.44
C LEU A 218 23.82 6.06 -12.97
N GLY A 219 23.79 6.23 -11.64
CA GLY A 219 23.97 7.53 -10.99
C GLY A 219 25.09 7.55 -9.93
N ALA A 220 25.08 8.57 -9.08
CA ALA A 220 26.30 8.90 -8.31
C ALA A 220 26.10 8.43 -6.86
N SER A 221 27.19 8.01 -6.22
CA SER A 221 27.10 7.51 -4.84
C SER A 221 28.02 8.38 -3.94
N GLN A 222 28.94 9.15 -4.56
CA GLN A 222 30.05 9.70 -3.82
C GLN A 222 29.69 11.06 -3.18
N GLU A 223 28.63 11.68 -3.66
CA GLU A 223 28.58 13.12 -3.46
C GLU A 223 27.28 13.52 -2.79
N LYS A 224 26.58 12.56 -2.20
CA LYS A 224 25.26 12.80 -1.64
C LYS A 224 25.28 14.04 -0.76
N ARG A 225 24.45 15.02 -1.13
CA ARG A 225 24.27 16.22 -0.33
C ARG A 225 23.42 15.92 0.90
N ILE A 226 23.95 16.24 2.07
CA ILE A 226 23.19 16.28 3.30
C ILE A 226 22.72 17.70 3.56
N GLU A 227 21.40 17.89 3.54
CA GLU A 227 20.81 19.18 3.73
C GLU A 227 21.22 19.79 5.07
N LYS A 228 20.86 19.15 6.18
CA LYS A 228 21.34 19.57 7.50
C LYS A 228 22.08 18.37 8.10
N ARG A 229 23.28 18.61 8.56
CA ARG A 229 24.18 17.57 8.94
C ARG A 229 24.29 17.67 10.45
N THR A 230 23.39 17.03 11.16
CA THR A 230 23.32 17.19 12.61
C THR A 230 24.09 16.05 13.26
N VAL A 231 25.03 16.40 14.13
CA VAL A 231 25.90 15.39 14.70
C VAL A 231 26.13 15.64 16.19
N GLN A 232 26.69 14.65 16.85
CA GLN A 232 27.23 14.83 18.19
C GLN A 232 28.65 14.28 18.16
N GLN A 233 29.46 14.63 19.16
CA GLN A 233 30.74 13.95 19.34
C GLN A 233 31.13 13.85 20.80
N MET B 4 11.71 32.79 27.45
CA MET B 4 11.61 31.97 26.21
C MET B 4 12.21 30.56 26.34
N LYS B 5 13.21 30.41 27.19
CA LYS B 5 13.87 29.10 27.35
C LYS B 5 13.35 28.24 28.51
N GLU B 6 12.79 28.89 29.52
CA GLU B 6 12.03 28.18 30.56
C GLU B 6 10.61 27.85 30.05
N ALA B 7 9.99 28.79 29.34
CA ALA B 7 8.72 28.52 28.66
C ALA B 7 8.83 27.16 27.98
N ARG B 8 9.84 27.04 27.12
CA ARG B 8 10.15 25.85 26.36
C ARG B 8 10.48 24.64 27.23
N LYS B 9 11.27 24.84 28.28
CA LYS B 9 11.69 23.73 29.14
C LYS B 9 10.53 23.22 29.99
N ARG B 10 9.63 24.13 30.33
CA ARG B 10 8.38 23.78 31.05
C ARG B 10 7.50 22.93 30.18
N MET B 11 7.25 23.45 28.99
CA MET B 11 6.39 22.80 28.04
C MET B 11 6.92 21.41 27.72
N VAL B 12 8.21 21.31 27.41
CA VAL B 12 8.81 20.04 27.02
C VAL B 12 8.76 18.98 28.13
N LYS B 13 9.11 19.40 29.34
CA LYS B 13 9.17 18.47 30.46
C LYS B 13 7.78 17.88 30.76
N ARG B 14 6.74 18.71 30.61
CA ARG B 14 5.40 18.23 30.84
C ARG B 14 4.96 17.23 29.76
N ALA B 15 5.34 17.49 28.52
CA ALA B 15 5.00 16.61 27.40
C ALA B 15 5.58 15.21 27.58
N VAL B 16 6.86 15.10 27.98
CA VAL B 16 7.51 13.80 28.19
C VAL B 16 6.61 12.79 28.95
N GLN B 17 5.92 13.28 29.96
CA GLN B 17 4.96 12.50 30.73
C GLN B 17 3.83 11.86 29.93
N GLU B 18 3.71 12.19 28.65
CA GLU B 18 2.66 11.58 27.85
C GLU B 18 3.10 10.24 27.25
N ILE B 19 4.39 10.02 27.21
CA ILE B 19 4.91 8.78 26.69
C ILE B 19 4.87 7.67 27.73
N LYS B 20 3.98 6.70 27.55
CA LYS B 20 3.96 5.57 28.44
C LYS B 20 4.71 4.43 27.76
N ASP B 21 5.34 3.57 28.56
CA ASP B 21 6.11 2.45 28.02
C ASP B 21 5.35 1.73 26.89
N GLY B 22 6.05 1.32 25.83
CA GLY B 22 5.48 0.45 24.81
C GLY B 22 4.84 1.16 23.63
N MET B 23 4.61 2.47 23.79
CA MET B 23 4.02 3.32 22.74
C MET B 23 4.84 3.41 21.45
N ASN B 24 4.14 3.54 20.35
CA ASN B 24 4.77 4.03 19.15
C ASN B 24 4.27 5.48 19.08
N VAL B 25 5.21 6.40 18.81
CA VAL B 25 5.00 7.84 18.97
C VAL B 25 5.59 8.57 17.77
N ASN B 26 4.90 9.61 17.34
CA ASN B 26 5.44 10.51 16.34
C ASN B 26 5.56 11.88 16.94
N LEU B 27 6.78 12.41 16.88
CA LEU B 27 7.07 13.78 17.30
C LEU B 27 7.23 14.66 16.10
N GLY B 28 6.47 15.74 16.07
CA GLY B 28 6.44 16.61 14.91
C GLY B 28 7.61 17.57 14.93
N ILE B 29 7.78 18.25 13.80
CA ILE B 29 8.82 19.26 13.61
C ILE B 29 8.67 20.38 14.63
N GLY B 30 9.79 20.95 15.05
CA GLY B 30 9.78 22.06 15.96
C GLY B 30 9.95 21.55 17.37
N MET B 31 9.35 22.27 18.30
CA MET B 31 9.52 22.03 19.71
C MET B 31 9.35 20.54 20.12
N PRO B 32 8.40 19.79 19.51
CA PRO B 32 8.21 18.42 20.00
C PRO B 32 9.38 17.48 19.83
N THR B 33 10.28 17.74 18.88
CA THR B 33 11.44 16.84 18.68
C THR B 33 12.37 16.89 19.89
N LEU B 34 12.30 17.96 20.68
CA LEU B 34 13.10 18.10 21.90
C LEU B 34 12.75 17.05 22.96
N VAL B 35 11.47 16.67 23.01
CA VAL B 35 10.92 15.72 23.99
C VAL B 35 11.70 14.39 24.04
N ALA B 36 12.26 13.94 22.91
CA ALA B 36 12.93 12.64 22.82
C ALA B 36 14.14 12.46 23.74
N ASN B 37 14.92 13.53 23.91
N ASN B 37 14.93 13.53 23.95
CA ASN B 37 16.07 13.57 24.83
CA ASN B 37 16.10 13.46 24.83
C ASN B 37 15.66 13.14 26.23
C ASN B 37 15.75 13.22 26.29
N GLU B 38 14.62 13.78 26.72
CA GLU B 38 14.23 13.65 28.12
C GLU B 38 13.19 12.55 28.36
N ILE B 39 13.28 11.52 27.54
CA ILE B 39 12.59 10.26 27.81
C ILE B 39 13.40 9.43 28.79
N PRO B 40 12.77 9.00 29.90
CA PRO B 40 13.50 8.29 30.96
C PRO B 40 13.69 6.81 30.65
N ASP B 41 14.77 6.24 31.19
CA ASP B 41 15.21 4.90 30.85
C ASP B 41 14.22 3.78 31.10
N GLY B 42 13.38 3.93 32.12
CA GLY B 42 12.29 2.97 32.33
C GLY B 42 11.45 2.76 31.08
N VAL B 43 11.26 3.83 30.32
CA VAL B 43 10.28 3.88 29.24
C VAL B 43 10.84 3.48 27.85
N HIS B 44 10.32 2.38 27.29
CA HIS B 44 10.74 1.87 25.98
C HIS B 44 9.64 2.01 24.92
N VAL B 45 10.02 2.74 23.88
CA VAL B 45 9.09 3.27 22.96
C VAL B 45 9.74 3.22 21.58
N MET B 46 8.99 3.45 20.50
CA MET B 46 9.64 3.63 19.21
C MET B 46 9.14 4.90 18.56
N LEU B 47 10.04 5.80 18.17
CA LEU B 47 9.60 7.00 17.48
C LEU B 47 9.49 6.77 15.96
N GLN B 48 8.33 7.11 15.40
CA GLN B 48 8.07 6.94 13.96
C GLN B 48 8.41 8.21 13.22
N SER B 49 9.17 8.03 12.15
CA SER B 49 9.50 9.10 11.25
C SER B 49 8.84 8.77 9.92
N GLU B 50 8.04 9.74 9.47
CA GLU B 50 7.01 9.52 8.50
C GLU B 50 7.54 9.40 7.10
N ASN B 51 8.83 9.71 6.95
CA ASN B 51 9.52 9.49 5.72
C ASN B 51 9.91 8.02 5.63
N GLY B 52 9.64 7.25 6.68
CA GLY B 52 9.65 5.79 6.53
C GLY B 52 10.63 5.06 7.43
N LEU B 53 10.58 5.39 8.71
CA LEU B 53 11.35 4.66 9.66
C LEU B 53 10.58 4.60 10.94
N LEU B 54 10.44 3.38 11.45
CA LEU B 54 10.02 3.17 12.82
C LEU B 54 11.28 2.80 13.65
N GLY B 55 11.72 3.75 14.49
CA GLY B 55 12.87 3.55 15.31
C GLY B 55 13.94 4.62 15.24
N ILE B 56 13.56 5.89 15.15
CA ILE B 56 14.49 7.01 15.32
C ILE B 56 15.43 6.86 16.53
N GLY B 57 16.71 7.15 16.30
CA GLY B 57 17.70 7.29 17.37
C GLY B 57 18.37 8.66 17.34
N PRO B 58 19.30 8.91 18.28
CA PRO B 58 19.95 10.22 18.38
C PRO B 58 20.86 10.54 17.19
N TYR B 59 21.42 11.74 17.18
CA TYR B 59 22.26 12.15 16.07
C TYR B 59 23.52 11.31 16.01
N PRO B 60 23.99 11.00 14.80
CA PRO B 60 25.13 10.13 14.61
C PRO B 60 26.39 10.81 15.11
N LEU B 61 27.38 9.99 15.48
CA LEU B 61 28.72 10.47 15.74
C LEU B 61 29.19 11.29 14.54
N GLU B 62 29.87 12.40 14.82
CA GLU B 62 30.50 13.22 13.78
C GLU B 62 31.45 12.42 12.89
N GLY B 63 31.16 12.43 11.59
CA GLY B 63 31.91 11.65 10.62
C GLY B 63 31.11 10.45 10.13
N THR B 64 30.16 10.00 10.93
CA THR B 64 29.43 8.77 10.68
C THR B 64 28.09 9.01 9.99
N GLU B 65 27.60 10.25 10.06
CA GLU B 65 26.34 10.64 9.45
C GLU B 65 26.14 10.14 8.00
N ASP B 66 24.91 9.71 7.72
N ASP B 66 24.94 9.64 7.70
CA ASP B 66 24.60 9.09 6.43
CA ASP B 66 24.68 9.08 6.37
C ASP B 66 23.46 9.84 5.72
C ASP B 66 23.42 9.62 5.66
N ALA B 67 23.63 10.05 4.43
CA ALA B 67 22.67 10.80 3.62
C ALA B 67 21.38 10.10 3.28
N ASP B 68 21.36 8.76 3.35
CA ASP B 68 20.11 8.06 3.12
C ASP B 68 19.33 7.94 4.41
N LEU B 69 19.78 8.62 5.47
CA LEU B 69 19.08 8.48 6.77
C LEU B 69 18.84 9.79 7.53
N ILE B 70 17.61 10.29 7.47
CA ILE B 70 17.26 11.62 8.00
C ILE B 70 15.91 11.55 8.63
N ASN B 71 15.61 12.46 9.56
CA ASN B 71 14.25 12.50 10.15
C ASN B 71 13.33 13.36 9.29
N ALA B 72 12.14 13.65 9.82
CA ALA B 72 11.17 14.45 9.06
C ALA B 72 11.65 15.90 8.85
N GLY B 73 12.52 16.37 9.73
CA GLY B 73 13.06 17.71 9.62
C GLY B 73 14.33 17.74 8.80
N LYS B 74 14.56 16.67 8.06
CA LYS B 74 15.62 16.69 7.08
C LYS B 74 16.99 16.77 7.77
N GLU B 75 17.01 16.36 9.03
CA GLU B 75 18.26 16.26 9.79
C GLU B 75 18.81 14.85 9.77
N THR B 76 20.11 14.74 9.95
CA THR B 76 20.78 13.45 9.98
C THR B 76 20.59 12.76 11.33
N ILE B 77 20.20 11.50 11.29
CA ILE B 77 19.79 10.78 12.48
C ILE B 77 20.45 9.41 12.60
N THR B 78 19.92 8.60 13.52
CA THR B 78 20.39 7.23 13.69
C THR B 78 19.23 6.28 13.91
N GLU B 79 19.50 4.97 13.82
CA GLU B 79 18.45 3.94 14.07
C GLU B 79 18.64 3.20 15.39
N VAL B 80 17.54 2.86 16.06
CA VAL B 80 17.65 2.09 17.32
C VAL B 80 17.48 0.59 17.10
N THR B 81 17.83 -0.19 18.11
CA THR B 81 17.59 -1.64 18.10
C THR B 81 16.14 -2.01 17.68
N GLY B 82 16.04 -2.77 16.59
CA GLY B 82 14.77 -3.29 16.07
C GLY B 82 14.01 -2.43 15.08
N ALA B 83 14.65 -1.36 14.62
CA ALA B 83 14.08 -0.45 13.62
C ALA B 83 13.62 -1.14 12.35
N SER B 84 12.83 -0.42 11.57
CA SER B 84 12.42 -0.90 10.27
C SER B 84 12.11 0.26 9.35
N TYR B 85 12.38 0.04 8.05
CA TYR B 85 12.11 0.99 6.98
C TYR B 85 10.98 0.54 6.04
N PHE B 86 10.32 1.50 5.41
CA PHE B 86 9.14 1.23 4.61
C PHE B 86 8.89 2.43 3.76
N ASP B 87 8.02 2.34 2.77
CA ASP B 87 7.79 3.50 1.90
C ASP B 87 6.75 4.46 2.47
N SER B 88 6.54 5.56 1.75
CA SER B 88 5.74 6.65 2.28
C SER B 88 4.28 6.26 2.41
N ALA B 89 3.82 5.40 1.50
CA ALA B 89 2.40 4.99 1.48
C ALA B 89 2.16 4.08 2.68
N GLU B 90 3.15 3.22 2.97
CA GLU B 90 3.15 2.40 4.19
C GLU B 90 3.15 3.29 5.40
N SER B 91 3.95 4.36 5.36
CA SER B 91 4.18 5.15 6.54
C SER B 91 2.87 5.77 6.97
N PHE B 92 2.10 6.26 6.00
CA PHE B 92 0.83 6.89 6.32
C PHE B 92 -0.30 5.92 6.49
N ALA B 93 -0.16 4.74 5.89
CA ALA B 93 -0.96 3.59 6.31
C ALA B 93 -0.87 3.43 7.84
N MET B 94 0.32 3.47 8.42
CA MET B 94 0.40 3.41 9.90
C MET B 94 -0.33 4.57 10.58
N ILE B 95 -0.09 5.78 10.08
CA ILE B 95 -0.56 6.99 10.74
C ILE B 95 -2.07 7.09 10.57
N ARG B 96 -2.53 7.01 9.32
CA ARG B 96 -3.93 7.05 9.02
C ARG B 96 -4.70 5.89 9.66
N GLY B 97 -4.07 4.71 9.77
CA GLY B 97 -4.78 3.51 10.21
C GLY B 97 -4.97 3.45 11.72
N GLY B 98 -4.40 4.40 12.47
CA GLY B 98 -4.58 4.43 13.93
C GLY B 98 -3.57 3.61 14.73
N HIS B 99 -2.46 3.25 14.11
CA HIS B 99 -1.46 2.42 14.73
C HIS B 99 -0.49 3.23 15.63
N ILE B 100 -0.34 4.52 15.33
CA ILE B 100 0.40 5.45 16.19
C ILE B 100 -0.44 5.86 17.41
N ASP B 101 0.11 5.56 18.57
CA ASP B 101 -0.52 5.83 19.87
C ASP B 101 -0.59 7.30 20.26
N LEU B 102 0.34 8.10 19.76
CA LEU B 102 0.53 9.46 20.21
C LEU B 102 1.28 10.27 19.19
N ALA B 103 0.77 11.46 18.91
CA ALA B 103 1.51 12.44 18.13
C ALA B 103 1.55 13.72 18.92
N ILE B 104 2.78 14.18 19.18
CA ILE B 104 2.98 15.47 19.81
C ILE B 104 3.33 16.46 18.72
N LEU B 105 2.60 17.58 18.62
CA LEU B 105 2.83 18.60 17.55
C LEU B 105 2.90 19.98 18.13
N GLY B 106 3.54 20.88 17.41
CA GLY B 106 3.55 22.31 17.72
C GLY B 106 2.29 23.00 17.22
N GLY B 107 2.12 24.27 17.55
CA GLY B 107 0.93 24.94 17.10
C GLY B 107 1.14 26.41 16.97
N MET B 108 0.45 27.04 16.03
CA MET B 108 0.34 28.49 15.99
C MET B 108 -0.90 29.04 16.72
N GLU B 109 -1.96 28.22 16.78
CA GLU B 109 -3.23 28.54 17.46
C GLU B 109 -3.96 27.27 17.77
N VAL B 110 -4.73 27.28 18.87
CA VAL B 110 -5.67 26.24 19.20
C VAL B 110 -6.99 26.91 19.58
N SER B 111 -8.11 26.21 19.43
CA SER B 111 -9.44 26.79 19.68
C SER B 111 -10.19 25.99 20.71
N GLU B 112 -11.25 26.62 21.25
CA GLU B 112 -12.22 26.04 22.20
C GLU B 112 -12.57 24.58 21.95
N GLN B 113 -12.81 24.27 20.67
CA GLN B 113 -13.29 22.97 20.25
C GLN B 113 -12.16 21.98 19.99
N GLY B 114 -10.92 22.43 20.19
CA GLY B 114 -9.77 21.58 19.93
C GLY B 114 -9.35 21.53 18.46
N ASP B 115 -9.75 22.52 17.68
CA ASP B 115 -9.14 22.72 16.35
C ASP B 115 -7.70 23.12 16.56
N LEU B 116 -6.90 22.83 15.54
CA LEU B 116 -5.50 23.19 15.50
C LEU B 116 -5.13 23.87 14.21
N ALA B 117 -4.16 24.75 14.28
CA ALA B 117 -3.75 25.49 13.14
C ALA B 117 -2.25 25.66 13.24
N ASN B 118 -1.47 24.98 12.41
CA ASN B 118 -0.04 25.10 12.56
C ASN B 118 0.75 25.00 11.28
N TRP B 119 0.13 25.21 10.14
CA TRP B 119 0.90 25.11 8.91
C TRP B 119 1.12 26.39 8.15
N MET B 120 0.31 27.40 8.35
CA MET B 120 0.33 28.54 7.46
C MET B 120 -0.12 29.83 8.12
N ILE B 121 0.60 30.90 7.84
CA ILE B 121 0.06 32.25 8.06
C ILE B 121 -0.27 32.92 6.73
N PRO B 122 -1.54 33.24 6.49
CA PRO B 122 -1.84 33.90 5.23
C PRO B 122 -0.96 35.16 5.14
N GLY B 123 -0.16 35.22 4.07
CA GLY B 123 0.78 36.31 3.84
C GLY B 123 2.10 36.20 4.61
N LYS B 124 2.65 35.00 4.71
CA LYS B 124 3.95 34.83 5.35
C LYS B 124 4.63 33.67 4.66
N VAL B 126 4.16 30.82 2.59
CA VAL B 126 3.43 29.64 2.13
C VAL B 126 4.38 28.45 2.11
N LYS B 127 4.38 27.68 3.20
CA LYS B 127 5.35 26.62 3.38
C LYS B 127 4.78 25.27 2.99
N GLY B 128 3.67 24.89 3.64
CA GLY B 128 3.07 23.57 3.46
C GLY B 128 2.85 22.85 4.78
N MET B 129 2.08 21.76 4.72
CA MET B 129 1.60 21.07 5.92
C MET B 129 2.32 19.76 6.18
N GLY B 130 2.97 19.22 5.15
CA GLY B 130 3.64 17.91 5.25
C GLY B 130 2.74 16.86 5.91
N GLY B 131 3.26 16.20 6.95
CA GLY B 131 2.53 15.10 7.56
C GLY B 131 1.52 15.47 8.65
N ALA B 132 1.51 16.72 9.09
CA ALA B 132 0.68 17.16 10.24
C ALA B 132 -0.83 16.87 10.11
N MET B 133 -1.40 17.11 8.92
CA MET B 133 -2.83 16.90 8.73
C MET B 133 -3.24 15.44 8.87
N ASP B 134 -2.33 14.53 8.48
CA ASP B 134 -2.56 13.10 8.56
C ASP B 134 -2.48 12.59 9.96
N LEU B 135 -1.39 12.98 10.59
CA LEU B 135 -1.10 12.76 12.00
C LEU B 135 -2.28 13.18 12.92
N VAL B 136 -2.85 14.36 12.70
CA VAL B 136 -3.87 14.86 13.63
C VAL B 136 -5.13 14.07 13.53
N ASN B 137 -5.35 13.44 12.36
CA ASN B 137 -6.55 12.63 12.22
C ASN B 137 -6.32 11.17 12.54
N GLY B 138 -5.06 10.73 12.61
CA GLY B 138 -4.77 9.30 12.72
C GLY B 138 -4.17 8.79 14.02
N ALA B 139 -3.33 9.58 14.68
CA ALA B 139 -2.81 9.16 15.98
C ALA B 139 -3.96 8.97 16.98
N LYS B 140 -3.87 7.96 17.84
CA LYS B 140 -4.90 7.76 18.84
C LYS B 140 -4.99 8.98 19.76
N ARG B 141 -3.86 9.50 20.21
CA ARG B 141 -3.91 10.64 21.08
C ARG B 141 -3.15 11.84 20.51
N ILE B 142 -3.77 13.03 20.55
CA ILE B 142 -3.20 14.25 19.95
C ILE B 142 -2.85 15.25 21.03
N VAL B 143 -1.58 15.60 21.09
CA VAL B 143 -1.09 16.51 22.09
C VAL B 143 -0.31 17.60 21.39
N VAL B 144 -0.63 18.83 21.79
CA VAL B 144 -0.01 20.04 21.26
C VAL B 144 0.74 20.78 22.37
N ILE B 145 1.97 21.18 22.09
CA ILE B 145 2.67 22.05 23.02
C ILE B 145 2.92 23.35 22.34
N MET B 146 2.52 24.44 23.00
CA MET B 146 2.52 25.75 22.40
C MET B 146 2.65 26.85 23.45
N GLU B 147 3.44 27.89 23.14
CA GLU B 147 3.51 29.08 23.98
C GLU B 147 2.10 29.66 24.00
N HIS B 148 1.66 30.07 25.19
CA HIS B 148 0.29 30.51 25.40
C HIS B 148 0.01 31.83 24.69
N VAL B 149 1.04 32.69 24.66
CA VAL B 149 0.98 34.07 24.20
C VAL B 149 2.04 34.34 23.13
N ASN B 150 1.69 35.16 22.14
CA ASN B 150 2.63 35.58 21.07
C ASN B 150 3.46 36.81 21.48
N LYS B 151 4.42 37.20 20.64
CA LYS B 151 5.31 38.36 20.94
C LYS B 151 4.53 39.60 21.30
N HIS B 152 3.50 39.91 20.50
CA HIS B 152 2.68 41.12 20.64
C HIS B 152 1.76 41.10 21.87
N GLY B 153 1.70 39.95 22.55
CA GLY B 153 0.91 39.81 23.75
C GLY B 153 -0.46 39.19 23.55
N GLU B 154 -0.82 38.96 22.29
CA GLU B 154 -2.11 38.37 21.96
C GLU B 154 -2.08 36.86 22.25
N SER B 155 -3.18 36.33 22.80
CA SER B 155 -3.23 34.91 23.13
C SER B 155 -3.37 34.01 21.89
N LYS B 156 -2.87 32.78 21.99
CA LYS B 156 -2.98 31.82 20.92
C LYS B 156 -4.09 30.79 21.21
N VAL B 157 -4.79 30.96 22.32
CA VAL B 157 -5.83 30.01 22.73
C VAL B 157 -7.18 30.68 22.56
N LYS B 158 -7.85 30.35 21.46
CA LYS B 158 -8.94 31.20 20.97
C LYS B 158 -10.27 30.49 20.86
N LYS B 159 -11.34 31.29 20.77
CA LYS B 159 -12.68 30.79 20.49
C LYS B 159 -12.63 30.14 19.14
N THR B 160 -12.23 30.89 18.15
CA THR B 160 -12.20 30.40 16.81
C THR B 160 -10.82 30.72 16.21
N CYS B 161 -10.27 29.83 15.40
CA CYS B 161 -8.92 30.04 14.86
C CYS B 161 -8.96 31.08 13.78
N SER B 162 -7.93 31.93 13.73
CA SER B 162 -7.83 32.93 12.68
C SER B 162 -6.92 32.47 11.53
N LEU B 163 -6.29 31.32 11.69
CA LEU B 163 -5.35 30.84 10.70
C LEU B 163 -5.85 29.58 10.00
N PRO B 164 -5.33 29.28 8.82
CA PRO B 164 -5.73 28.04 8.16
C PRO B 164 -5.60 26.86 9.08
N LEU B 165 -6.61 25.98 9.08
CA LEU B 165 -6.69 24.89 10.05
C LEU B 165 -5.80 23.75 9.66
N THR B 166 -5.07 23.17 10.61
CA THR B 166 -4.39 21.89 10.38
C THR B 166 -5.41 20.75 10.53
N GLY B 167 -6.35 20.90 11.46
CA GLY B 167 -7.36 19.87 11.70
C GLY B 167 -8.52 20.42 12.49
N GLN B 168 -9.68 19.80 12.37
CA GLN B 168 -10.87 20.31 13.00
C GLN B 168 -11.20 19.41 14.18
N LYS B 169 -11.28 19.97 15.40
CA LYS B 169 -11.61 19.18 16.59
C LYS B 169 -10.67 17.98 16.78
N VAL B 170 -9.36 18.22 16.78
CA VAL B 170 -8.39 17.11 16.79
C VAL B 170 -7.58 16.97 18.10
N VAL B 171 -7.45 18.06 18.84
CA VAL B 171 -6.53 18.13 19.97
C VAL B 171 -7.18 17.47 21.15
N HIS B 172 -6.52 16.47 21.73
CA HIS B 172 -7.00 15.86 22.97
C HIS B 172 -6.49 16.61 24.20
N ARG B 173 -5.24 17.07 24.14
CA ARG B 173 -4.64 17.76 25.28
C ARG B 173 -3.77 18.89 24.78
N LEU B 174 -3.88 20.07 25.38
CA LEU B 174 -2.99 21.17 25.05
C LEU B 174 -2.10 21.47 26.23
N ILE B 175 -0.78 21.53 26.02
CA ILE B 175 0.06 22.03 27.09
C ILE B 175 0.78 23.35 26.72
N THR B 176 0.61 24.37 27.55
CA THR B 176 1.33 25.61 27.30
C THR B 176 2.41 25.78 28.35
N ASP B 177 3.06 26.93 28.37
CA ASP B 177 4.03 27.26 29.40
C ASP B 177 3.26 27.65 30.65
N LEU B 178 1.95 27.81 30.50
CA LEU B 178 1.10 28.27 31.59
C LEU B 178 0.16 27.19 32.11
N ALA B 179 -0.38 26.38 31.18
CA ALA B 179 -1.52 25.54 31.53
C ALA B 179 -1.57 24.24 30.80
N VAL B 180 -2.38 23.33 31.32
CA VAL B 180 -2.74 22.15 30.58
C VAL B 180 -4.25 22.14 30.38
N PHE B 181 -4.68 21.82 29.16
CA PHE B 181 -6.09 21.78 28.77
C PHE B 181 -6.45 20.45 28.18
N ASP B 182 -7.61 19.92 28.56
CA ASP B 182 -8.16 18.69 27.97
C ASP B 182 -9.37 19.07 27.11
N PHE B 183 -9.62 18.29 26.06
CA PHE B 183 -10.84 18.46 25.27
C PHE B 183 -11.67 17.17 25.32
N VAL B 184 -12.94 17.29 25.67
CA VAL B 184 -13.84 16.13 25.61
C VAL B 184 -15.13 16.51 24.90
N ASN B 185 -15.18 16.10 23.64
CA ASN B 185 -16.30 16.39 22.73
C ASN B 185 -16.61 17.89 22.60
N GLY B 186 -15.63 18.66 22.14
CA GLY B 186 -15.84 20.06 21.82
C GLY B 186 -15.51 20.99 22.95
N ARG B 187 -15.62 20.53 24.18
CA ARG B 187 -15.47 21.44 25.31
C ARG B 187 -14.02 21.46 25.78
N MET B 188 -13.54 22.63 26.16
CA MET B 188 -12.21 22.76 26.72
C MET B 188 -12.31 22.92 28.24
N THR B 189 -11.37 22.30 28.95
CA THR B 189 -11.38 22.28 30.39
C THR B 189 -9.97 22.48 30.88
N LEU B 190 -9.80 23.45 31.77
CA LEU B 190 -8.49 23.70 32.30
C LEU B 190 -8.24 22.67 33.35
N THR B 191 -7.11 21.99 33.23
CA THR B 191 -6.92 20.73 33.93
C THR B 191 -5.72 20.71 34.92
N GLU B 192 -4.64 21.42 34.58
CA GLU B 192 -3.49 21.63 35.45
C GLU B 192 -2.88 22.98 35.15
N LEU B 193 -1.92 23.33 35.99
CA LEU B 193 -1.36 24.67 36.01
C LEU B 193 0.15 24.57 36.16
N GLN B 194 0.90 25.36 35.40
CA GLN B 194 2.34 25.47 35.61
C GLN B 194 2.65 26.34 36.83
N ASP B 195 3.92 26.40 37.17
CA ASP B 195 4.36 26.88 38.47
C ASP B 195 3.97 28.31 38.88
N GLY B 196 4.03 29.27 37.98
CA GLY B 196 3.78 30.64 38.46
C GLY B 196 2.30 30.97 38.57
N VAL B 197 1.48 30.19 37.88
CA VAL B 197 0.17 30.62 37.38
C VAL B 197 -1.07 30.19 38.19
N THR B 198 -2.08 31.07 38.17
CA THR B 198 -3.40 30.81 38.76
C THR B 198 -4.49 30.78 37.67
N ILE B 199 -5.73 30.48 38.09
CA ILE B 199 -6.87 30.42 37.18
C ILE B 199 -7.12 31.82 36.59
N GLU B 200 -7.03 32.84 37.44
CA GLU B 200 -7.17 34.21 36.97
C GLU B 200 -6.27 34.45 35.78
N GLU B 201 -4.96 34.37 36.00
CA GLU B 201 -3.98 34.58 34.94
C GLU B 201 -4.39 33.93 33.66
N VAL B 202 -4.83 32.67 33.75
CA VAL B 202 -5.23 31.88 32.60
C VAL B 202 -6.49 32.39 31.90
N TYR B 203 -7.45 32.91 32.67
CA TYR B 203 -8.59 33.66 32.12
C TYR B 203 -8.03 34.85 31.38
N GLU B 204 -7.40 35.76 32.12
CA GLU B 204 -6.83 36.97 31.54
C GLU B 204 -6.08 36.63 30.25
N LYS B 205 -5.40 35.51 30.22
CA LYS B 205 -4.55 35.23 29.10
C LYS B 205 -5.15 34.34 28.00
N THR B 206 -6.45 34.06 28.06
CA THR B 206 -7.09 33.10 27.14
C THR B 206 -8.34 33.67 26.49
N GLU B 207 -8.43 33.50 25.17
CA GLU B 207 -9.59 34.00 24.45
C GLU B 207 -10.66 32.94 24.38
N ALA B 208 -10.23 31.69 24.30
CA ALA B 208 -11.12 30.54 24.40
C ALA B 208 -11.98 30.53 25.68
N ASP B 209 -13.15 29.87 25.58
CA ASP B 209 -13.99 29.46 26.72
C ASP B 209 -13.61 28.08 27.22
N PHE B 210 -13.49 27.97 28.53
CA PHE B 210 -13.23 26.70 29.12
C PHE B 210 -13.93 26.51 30.45
N ALA B 211 -14.32 25.27 30.72
CA ALA B 211 -14.67 24.84 32.05
C ALA B 211 -13.40 24.71 32.87
N VAL B 212 -13.46 25.06 34.15
CA VAL B 212 -12.33 24.68 34.97
C VAL B 212 -12.64 23.37 35.68
N SER B 213 -11.71 22.43 35.56
CA SER B 213 -11.87 21.09 36.09
C SER B 213 -12.24 21.09 37.55
N GLN B 214 -12.96 20.03 37.90
CA GLN B 214 -13.37 19.74 39.24
C GLN B 214 -12.16 19.81 40.20
N SER B 215 -11.10 19.06 39.89
CA SER B 215 -9.80 19.18 40.55
C SER B 215 -8.82 19.73 39.54
N VAL B 216 -7.87 20.53 40.01
CA VAL B 216 -6.86 21.05 39.09
C VAL B 216 -5.47 20.44 39.33
N MET C 4 12.53 -11.54 26.87
CA MET C 4 11.86 -11.67 25.55
C MET C 4 10.43 -11.10 25.61
N GLY C 5 10.09 -10.25 24.64
CA GLY C 5 8.96 -9.31 24.74
C GLY C 5 7.55 -9.74 24.35
N LYS C 6 7.24 -9.68 23.06
CA LYS C 6 5.87 -9.99 22.55
C LYS C 6 5.63 -11.50 22.42
N VAL C 7 6.73 -12.27 22.49
CA VAL C 7 6.74 -13.71 22.31
C VAL C 7 5.92 -14.40 23.37
N LEU C 8 5.01 -15.27 22.93
CA LEU C 8 4.19 -16.07 23.84
C LEU C 8 4.68 -17.52 23.94
N SER C 9 4.35 -18.18 25.04
CA SER C 9 4.76 -19.57 25.23
C SER C 9 4.14 -20.56 24.23
N SER C 10 2.85 -20.39 23.92
CA SER C 10 2.12 -21.46 23.23
C SER C 10 1.01 -20.97 22.33
N SER C 11 0.66 -21.80 21.34
CA SER C 11 -0.52 -21.57 20.47
C SER C 11 -1.81 -21.44 21.30
N LYS C 12 -1.94 -22.33 22.27
CA LYS C 12 -3.07 -22.36 23.20
C LYS C 12 -3.21 -21.02 23.93
N GLU C 13 -2.13 -20.54 24.54
CA GLU C 13 -2.13 -19.26 25.23
C GLU C 13 -2.66 -18.13 24.34
N ALA C 14 -2.34 -18.23 23.05
CA ALA C 14 -2.66 -17.20 22.07
C ALA C 14 -4.12 -17.24 21.62
N ALA C 15 -4.65 -18.46 21.49
CA ALA C 15 -6.04 -18.67 21.15
C ALA C 15 -6.95 -18.04 22.21
N LYS C 16 -6.55 -18.10 23.47
CA LYS C 16 -7.38 -17.58 24.56
C LYS C 16 -7.78 -16.13 24.29
N LEU C 17 -7.14 -15.55 23.29
CA LEU C 17 -7.35 -14.15 22.98
C LEU C 17 -8.36 -13.93 21.85
N ILE C 18 -9.06 -15.00 21.45
CA ILE C 18 -10.04 -14.92 20.38
C ILE C 18 -11.36 -15.29 21.00
N HIS C 19 -12.41 -14.52 20.70
CA HIS C 19 -13.68 -14.58 21.44
C HIS C 19 -14.88 -14.86 20.54
N ASP C 20 -15.94 -15.45 21.09
CA ASP C 20 -17.14 -15.79 20.31
C ASP C 20 -17.61 -14.62 19.47
N GLY C 21 -17.93 -14.86 18.20
CA GLY C 21 -18.54 -13.83 17.35
C GLY C 21 -17.57 -12.79 16.81
N ASP C 22 -16.26 -13.03 16.96
CA ASP C 22 -15.26 -12.14 16.39
C ASP C 22 -15.12 -12.31 14.87
N THR C 23 -14.60 -11.23 14.27
CA THR C 23 -14.06 -11.23 12.93
C THR C 23 -12.59 -11.58 13.07
N LEU C 24 -12.18 -12.57 12.29
CA LEU C 24 -10.83 -13.05 12.30
C LEU C 24 -10.29 -12.96 10.91
N ILE C 25 -9.12 -12.36 10.78
CA ILE C 25 -8.49 -12.21 9.51
C ILE C 25 -7.24 -13.13 9.47
N ALA C 26 -7.11 -13.89 8.39
CA ALA C 26 -6.08 -14.92 8.32
C ALA C 26 -5.29 -14.82 7.04
N GLY C 27 -3.97 -14.82 7.21
CA GLY C 27 -3.05 -14.93 6.07
C GLY C 27 -3.10 -16.33 5.47
N GLY C 28 -2.50 -16.47 4.29
CA GLY C 28 -2.28 -17.77 3.64
C GLY C 28 -2.96 -17.75 2.29
N PHE C 29 -2.36 -18.41 1.31
CA PHE C 29 -2.98 -18.65 0.03
C PHE C 29 -2.97 -20.16 -0.20
N GLY C 30 -4.16 -20.77 -0.24
CA GLY C 30 -4.29 -22.22 -0.25
C GLY C 30 -3.68 -22.75 1.02
N LEU C 31 -2.65 -23.57 0.91
CA LEU C 31 -2.05 -24.08 2.12
C LEU C 31 -0.69 -23.43 2.34
N CYS C 32 -0.46 -22.34 1.62
CA CYS C 32 0.82 -21.67 1.61
C CYS C 32 0.88 -20.41 2.50
N GLY C 33 1.80 -20.43 3.47
CA GLY C 33 1.90 -19.37 4.50
C GLY C 33 0.69 -19.19 5.42
N ILE C 34 0.12 -20.31 5.87
CA ILE C 34 -1.00 -20.26 6.83
C ILE C 34 -0.51 -20.50 8.25
N PRO C 35 -1.14 -19.86 9.26
CA PRO C 35 -0.75 -20.13 10.65
C PRO C 35 -1.42 -21.43 11.12
N GLU C 36 -0.90 -22.55 10.62
CA GLU C 36 -1.40 -23.90 10.92
C GLU C 36 -1.63 -24.17 12.41
N GLN C 37 -0.61 -23.91 13.25
CA GLN C 37 -0.72 -24.15 14.69
C GLN C 37 -1.75 -23.26 15.32
N LEU C 38 -1.61 -21.95 15.14
CA LEU C 38 -2.65 -21.05 15.57
C LEU C 38 -4.05 -21.60 15.22
N ILE C 39 -4.27 -22.00 13.97
CA ILE C 39 -5.55 -22.57 13.56
C ILE C 39 -5.90 -23.86 14.35
N LEU C 40 -4.93 -24.76 14.50
CA LEU C 40 -5.16 -25.96 15.30
C LEU C 40 -5.68 -25.64 16.69
N SER C 41 -5.09 -24.65 17.35
CA SER C 41 -5.47 -24.38 18.74
C SER C 41 -6.78 -23.60 18.89
N ILE C 42 -7.18 -22.92 17.82
CA ILE C 42 -8.48 -22.26 17.79
C ILE C 42 -9.55 -23.33 17.60
N ARG C 43 -9.24 -24.33 16.78
CA ARG C 43 -10.13 -25.45 16.64
C ARG C 43 -10.29 -26.12 17.99
N ASP C 44 -9.20 -26.26 18.71
CA ASP C 44 -9.21 -26.91 20.00
C ASP C 44 -9.80 -26.06 21.09
N GLN C 45 -9.81 -24.75 20.93
CA GLN C 45 -10.43 -23.93 21.97
C GLN C 45 -11.93 -23.96 21.81
N GLY C 46 -12.37 -24.37 20.63
CA GLY C 46 -13.77 -24.33 20.26
C GLY C 46 -14.52 -23.01 20.17
N VAL C 47 -13.84 -21.88 20.08
CA VAL C 47 -14.54 -20.57 19.97
C VAL C 47 -15.49 -20.49 18.74
N LYS C 48 -16.68 -19.92 18.88
CA LYS C 48 -17.66 -20.00 17.79
C LYS C 48 -18.16 -18.67 17.16
N ASP C 49 -19.14 -18.78 16.26
CA ASP C 49 -19.75 -17.64 15.58
C ASP C 49 -18.76 -16.68 14.96
N LEU C 50 -17.69 -17.24 14.43
CA LEU C 50 -16.60 -16.47 13.89
C LEU C 50 -16.93 -15.94 12.50
N THR C 51 -16.48 -14.72 12.22
CA THR C 51 -16.53 -14.25 10.86
C THR C 51 -15.14 -14.39 10.34
N VAL C 52 -14.86 -15.38 9.49
CA VAL C 52 -13.48 -15.45 9.09
C VAL C 52 -13.23 -14.85 7.71
N VAL C 53 -12.16 -14.07 7.62
CA VAL C 53 -11.73 -13.54 6.35
C VAL C 53 -10.31 -13.95 6.01
N SER C 54 -10.19 -14.55 4.84
CA SER C 54 -8.98 -15.18 4.31
C SER C 54 -9.31 -15.48 2.87
N ASN C 55 -8.31 -15.42 1.98
CA ASN C 55 -8.47 -15.72 0.56
C ASN C 55 -9.26 -16.99 0.28
N ASN C 56 -8.85 -18.07 0.95
CA ASN C 56 -9.53 -19.34 0.80
C ASN C 56 -9.85 -19.84 2.16
N CYS C 57 -10.49 -21.00 2.20
CA CYS C 57 -10.76 -21.72 3.43
C CYS C 57 -9.97 -23.03 3.53
N GLY C 58 -8.67 -22.98 3.24
CA GLY C 58 -7.82 -24.15 3.38
C GLY C 58 -8.28 -25.27 2.48
N VAL C 59 -8.27 -26.49 3.04
CA VAL C 59 -8.87 -27.70 2.46
C VAL C 59 -9.75 -28.27 3.56
N ASP C 60 -10.63 -29.21 3.25
CA ASP C 60 -11.51 -29.75 4.31
C ASP C 60 -10.72 -30.47 5.40
N ASP C 61 -9.56 -30.98 5.02
CA ASP C 61 -8.62 -31.71 5.86
C ASP C 61 -7.60 -30.79 6.64
N TRP C 62 -7.48 -29.50 6.32
CA TRP C 62 -6.38 -28.65 6.87
C TRP C 62 -6.59 -27.13 6.73
N GLY C 63 -5.90 -26.33 7.57
CA GLY C 63 -6.08 -24.87 7.56
C GLY C 63 -7.41 -24.44 8.14
N LEU C 64 -8.01 -23.38 7.58
CA LEU C 64 -9.30 -22.83 8.09
C LEU C 64 -10.46 -23.80 7.95
N GLY C 65 -10.31 -24.74 7.02
CA GLY C 65 -11.30 -25.78 6.80
C GLY C 65 -11.53 -26.67 7.99
N LEU C 66 -10.56 -26.66 8.91
CA LEU C 66 -10.69 -27.38 10.17
C LEU C 66 -11.73 -26.74 11.11
N LEU C 67 -11.87 -25.42 11.03
CA LEU C 67 -12.83 -24.65 11.82
C LEU C 67 -14.23 -24.79 11.26
N LEU C 68 -14.30 -24.76 9.94
CA LEU C 68 -15.54 -24.93 9.24
C LEU C 68 -16.09 -26.28 9.64
N ALA C 69 -15.29 -27.33 9.50
CA ALA C 69 -15.75 -28.69 9.85
C ALA C 69 -16.21 -28.82 11.30
N ASN C 70 -15.57 -28.06 12.19
CA ASN C 70 -15.91 -28.06 13.63
C ASN C 70 -17.03 -27.07 13.93
N LYS C 71 -17.53 -26.41 12.89
CA LYS C 71 -18.74 -25.56 12.95
C LYS C 71 -18.50 -24.24 13.69
N GLN C 72 -17.30 -23.68 13.53
CA GLN C 72 -16.96 -22.47 14.24
C GLN C 72 -17.15 -21.19 13.41
N ILE C 73 -17.39 -21.34 12.11
CA ILE C 73 -17.51 -20.18 11.23
C ILE C 73 -18.98 -19.77 10.96
N LYS C 74 -19.38 -18.58 11.36
CA LYS C 74 -20.73 -18.08 11.08
C LYS C 74 -20.82 -17.56 9.64
N LYS C 75 -19.75 -16.87 9.20
CA LYS C 75 -19.66 -16.26 7.87
C LYS C 75 -18.20 -16.24 7.38
N MET C 76 -18.04 -16.50 6.09
CA MET C 76 -16.75 -16.57 5.43
C MET C 76 -16.68 -15.49 4.36
N ILE C 77 -15.62 -14.68 4.43
CA ILE C 77 -15.30 -13.75 3.36
C ILE C 77 -14.00 -14.23 2.73
N ALA C 78 -14.09 -14.57 1.44
CA ALA C 78 -12.97 -15.14 0.72
C ALA C 78 -13.16 -14.94 -0.78
N SER C 79 -12.20 -15.42 -1.58
CA SER C 79 -12.25 -15.26 -3.04
C SER C 79 -12.31 -16.57 -3.80
N TYR C 80 -11.82 -17.64 -3.18
CA TYR C 80 -11.79 -18.92 -3.86
C TYR C 80 -12.15 -20.08 -2.92
N VAL C 81 -13.11 -20.92 -3.33
CA VAL C 81 -13.40 -22.16 -2.62
C VAL C 81 -12.40 -23.22 -3.04
N GLY C 82 -12.43 -23.55 -4.33
CA GLY C 82 -11.43 -24.43 -4.93
C GLY C 82 -11.61 -25.85 -4.48
N GLU C 83 -10.52 -26.47 -4.02
CA GLU C 83 -10.57 -27.87 -3.58
C GLU C 83 -10.97 -27.98 -2.12
N ASN C 84 -12.10 -27.35 -1.78
CA ASN C 84 -12.75 -27.63 -0.51
C ASN C 84 -14.22 -28.02 -0.71
N LYS C 85 -14.52 -29.30 -0.50
CA LYS C 85 -15.85 -29.82 -0.78
C LYS C 85 -16.84 -29.57 0.34
N ILE C 86 -16.32 -29.31 1.53
CA ILE C 86 -17.18 -28.94 2.66
C ILE C 86 -17.62 -27.49 2.54
N PHE C 87 -16.67 -26.61 2.24
CA PHE C 87 -16.97 -25.21 1.89
C PHE C 87 -17.95 -25.15 0.74
N GLU C 88 -17.60 -25.77 -0.38
CA GLU C 88 -18.40 -25.66 -1.60
C GLU C 88 -19.86 -26.03 -1.34
N ARG C 89 -20.07 -27.15 -0.66
CA ARG C 89 -21.41 -27.71 -0.49
C ARG C 89 -22.22 -26.91 0.53
N GLN C 90 -21.56 -26.48 1.60
CA GLN C 90 -22.19 -25.63 2.60
C GLN C 90 -22.54 -24.25 2.00
N PHE C 91 -21.64 -23.72 1.18
CA PHE C 91 -21.94 -22.57 0.30
C PHE C 91 -23.22 -22.79 -0.49
N LEU C 92 -23.22 -23.78 -1.39
CA LEU C 92 -24.42 -24.09 -2.21
C LEU C 92 -25.71 -24.19 -1.41
N SER C 93 -25.55 -24.68 -0.18
CA SER C 93 -26.66 -25.03 0.68
C SER C 93 -27.30 -23.82 1.36
N GLY C 94 -26.49 -22.76 1.50
CA GLY C 94 -26.82 -21.64 2.36
C GLY C 94 -26.49 -21.88 3.83
N GLU C 95 -25.90 -23.05 4.10
CA GLU C 95 -25.62 -23.45 5.47
C GLU C 95 -24.62 -22.51 6.07
N LEU C 96 -23.56 -22.25 5.32
CA LEU C 96 -22.56 -21.23 5.65
C LEU C 96 -22.85 -19.94 4.89
N GLU C 97 -23.09 -18.86 5.61
CA GLU C 97 -23.17 -17.50 5.03
C GLU C 97 -21.83 -17.09 4.41
N VAL C 98 -21.80 -16.88 3.10
CA VAL C 98 -20.52 -16.56 2.42
C VAL C 98 -20.54 -15.28 1.59
N GLU C 99 -19.55 -14.42 1.81
CA GLU C 99 -19.39 -13.23 0.97
C GLU C 99 -18.21 -13.44 0.04
N LEU C 100 -18.51 -13.67 -1.22
CA LEU C 100 -17.47 -13.96 -2.20
C LEU C 100 -16.95 -12.66 -2.81
N VAL C 101 -15.64 -12.45 -2.73
CA VAL C 101 -15.00 -11.16 -3.04
C VAL C 101 -13.86 -11.39 -4.02
N PRO C 102 -13.81 -10.63 -5.12
CA PRO C 102 -12.68 -10.83 -6.03
C PRO C 102 -11.36 -10.68 -5.28
N GLN C 103 -10.33 -11.39 -5.70
CA GLN C 103 -9.11 -11.50 -4.91
C GLN C 103 -8.46 -10.12 -4.79
N GLY C 104 -8.40 -9.40 -5.90
CA GLY C 104 -7.83 -8.05 -5.91
C GLY C 104 -8.54 -7.14 -4.95
N THR C 105 -9.86 -7.26 -4.93
CA THR C 105 -10.67 -6.39 -4.10
C THR C 105 -10.53 -6.77 -2.67
N LEU C 106 -10.33 -8.07 -2.44
CA LEU C 106 -10.27 -8.59 -1.10
C LEU C 106 -9.00 -8.07 -0.45
N ALA C 107 -7.88 -8.29 -1.12
CA ALA C 107 -6.56 -7.79 -0.70
C ALA C 107 -6.61 -6.31 -0.36
N GLU C 108 -7.18 -5.53 -1.28
CA GLU C 108 -7.17 -4.10 -1.13
C GLU C 108 -8.13 -3.69 0.01
N ARG C 109 -9.24 -4.41 0.19
CA ARG C 109 -10.20 -4.09 1.28
C ARG C 109 -9.52 -4.26 2.62
N ILE C 110 -8.81 -5.39 2.78
CA ILE C 110 -8.06 -5.67 4.00
C ILE C 110 -6.97 -4.61 4.15
N ARG C 111 -6.24 -4.31 3.08
CA ARG C 111 -5.22 -3.28 3.23
C ARG C 111 -5.82 -1.93 3.67
N ALA C 112 -7.02 -1.61 3.17
CA ALA C 112 -7.67 -0.36 3.49
C ALA C 112 -8.06 -0.29 4.95
N GLY C 113 -8.55 -1.40 5.50
CA GLY C 113 -8.92 -1.47 6.89
C GLY C 113 -7.70 -1.07 7.70
N GLY C 114 -6.57 -1.68 7.37
CA GLY C 114 -5.39 -1.42 8.14
C GLY C 114 -4.80 -0.05 7.89
N ALA C 115 -5.06 0.50 6.70
CA ALA C 115 -4.49 1.78 6.29
C ALA C 115 -5.43 2.98 6.57
N GLY C 116 -6.55 2.69 7.25
CA GLY C 116 -7.54 3.69 7.61
C GLY C 116 -8.44 4.13 6.46
N ILE C 117 -8.33 3.50 5.30
CA ILE C 117 -9.23 3.75 4.17
C ILE C 117 -10.59 3.07 4.41
N PRO C 118 -11.66 3.84 4.64
CA PRO C 118 -12.96 3.15 4.84
C PRO C 118 -13.61 2.67 3.54
N GLY C 119 -13.15 3.21 2.39
CA GLY C 119 -13.81 3.02 1.09
C GLY C 119 -12.85 3.44 -0.02
N PHE C 120 -12.93 2.75 -1.17
CA PHE C 120 -12.05 2.99 -2.32
C PHE C 120 -12.71 2.40 -3.55
N TYR C 121 -12.39 2.93 -4.71
CA TYR C 121 -13.11 2.57 -5.96
C TYR C 121 -12.26 1.67 -6.83
N THR C 122 -12.93 0.76 -7.54
CA THR C 122 -12.24 -0.19 -8.42
C THR C 122 -13.17 -0.59 -9.56
N ALA C 123 -12.62 -1.02 -10.70
CA ALA C 123 -13.42 -1.54 -11.84
C ALA C 123 -13.73 -3.03 -11.71
N THR C 124 -12.99 -3.73 -10.85
CA THR C 124 -13.19 -5.17 -10.69
C THR C 124 -14.63 -5.59 -10.37
N GLY C 125 -15.28 -6.30 -11.28
CA GLY C 125 -16.62 -6.83 -11.03
C GLY C 125 -17.83 -5.99 -11.48
N VAL C 126 -17.59 -4.82 -12.11
CA VAL C 126 -18.72 -4.08 -12.65
C VAL C 126 -19.36 -4.88 -13.77
N GLY C 127 -20.67 -4.75 -13.92
CA GLY C 127 -21.37 -5.51 -14.95
C GLY C 127 -21.64 -6.95 -14.53
N THR C 128 -21.17 -7.31 -13.32
CA THR C 128 -21.43 -8.62 -12.75
C THR C 128 -22.27 -8.55 -11.46
N SER C 129 -22.75 -9.71 -11.01
CA SER C 129 -23.55 -9.83 -9.81
C SER C 129 -22.81 -9.39 -8.54
N ILE C 130 -21.48 -9.35 -8.60
CA ILE C 130 -20.65 -8.89 -7.48
C ILE C 130 -20.88 -7.43 -7.12
N ALA C 131 -21.20 -6.62 -8.12
CA ALA C 131 -21.38 -5.21 -7.89
C ALA C 131 -22.83 -4.84 -7.52
N GLU C 132 -23.75 -5.79 -7.54
CA GLU C 132 -25.13 -5.45 -7.14
C GLU C 132 -25.22 -5.03 -5.66
N GLY C 133 -25.97 -3.93 -5.40
CA GLY C 133 -26.14 -3.35 -4.07
C GLY C 133 -25.07 -2.36 -3.53
N LYS C 134 -24.10 -1.99 -4.38
CA LYS C 134 -23.05 -1.07 -3.97
C LYS C 134 -23.02 0.23 -4.78
N GLU C 135 -22.51 1.31 -4.17
CA GLU C 135 -22.39 2.59 -4.86
C GLU C 135 -21.55 2.47 -6.14
N HIS C 136 -22.04 3.10 -7.19
CA HIS C 136 -21.34 3.19 -8.47
C HIS C 136 -20.97 4.65 -8.71
N LYS C 137 -19.76 4.85 -9.22
CA LYS C 137 -19.29 6.20 -9.50
C LYS C 137 -18.46 6.18 -10.78
N THR C 138 -18.63 7.21 -11.60
CA THR C 138 -17.80 7.34 -12.75
C THR C 138 -16.63 8.24 -12.42
N PHE C 139 -15.45 7.81 -12.88
CA PHE C 139 -14.25 8.64 -13.03
C PHE C 139 -13.85 8.59 -14.50
N GLY C 140 -13.37 9.70 -15.06
CA GLY C 140 -12.98 9.75 -16.47
C GLY C 140 -13.91 9.10 -17.51
N GLY C 141 -15.20 8.97 -17.23
CA GLY C 141 -16.11 8.29 -18.17
C GLY C 141 -16.40 6.81 -17.86
N ARG C 142 -15.54 6.15 -17.08
CA ARG C 142 -15.68 4.72 -16.75
C ARG C 142 -16.28 4.53 -15.37
N THR C 143 -17.01 3.43 -15.22
CA THR C 143 -17.77 3.11 -14.01
C THR C 143 -16.98 2.24 -13.02
N TYR C 144 -17.01 2.63 -11.75
CA TYR C 144 -16.33 1.93 -10.65
C TYR C 144 -17.31 1.60 -9.49
N VAL C 145 -16.97 0.58 -8.71
CA VAL C 145 -17.75 0.24 -7.52
C VAL C 145 -17.02 0.66 -6.27
N LEU C 146 -17.75 1.19 -5.29
CA LEU C 146 -17.18 1.44 -3.97
C LEU C 146 -16.97 0.13 -3.24
N GLU C 147 -15.73 -0.14 -2.83
CA GLU C 147 -15.49 -1.23 -1.90
C GLU C 147 -15.03 -0.74 -0.51
N ARG C 148 -15.51 -1.41 0.53
CA ARG C 148 -15.25 -1.01 1.93
C ARG C 148 -14.12 -1.70 2.67
N GLY C 149 -13.33 -0.87 3.39
CA GLY C 149 -12.24 -1.34 4.28
C GLY C 149 -12.71 -2.46 5.21
N ILE C 150 -11.89 -3.51 5.37
CA ILE C 150 -12.19 -4.62 6.34
C ILE C 150 -11.29 -4.61 7.58
N THR C 151 -11.88 -4.83 8.74
CA THR C 151 -11.21 -4.77 10.04
C THR C 151 -11.61 -6.00 10.86
N GLY C 152 -10.63 -6.63 11.50
CA GLY C 152 -10.96 -7.75 12.35
C GLY C 152 -10.68 -7.50 13.81
N ASP C 153 -11.27 -8.31 14.65
CA ASP C 153 -10.92 -8.29 16.04
C ASP C 153 -9.52 -8.90 16.23
N VAL C 154 -9.17 -9.85 15.39
CA VAL C 154 -7.94 -10.56 15.52
C VAL C 154 -7.40 -10.92 14.16
N ALA C 155 -6.09 -10.77 14.03
CA ALA C 155 -5.38 -11.22 12.85
C ALA C 155 -4.38 -12.31 13.24
N ILE C 156 -4.30 -13.30 12.40
CA ILE C 156 -3.64 -14.54 12.67
C ILE C 156 -2.89 -14.63 11.37
N VAL C 157 -1.57 -14.41 11.43
CA VAL C 157 -0.69 -14.44 10.24
C VAL C 157 0.49 -15.37 10.46
N LYS C 158 1.15 -15.76 9.36
CA LYS C 158 2.27 -16.72 9.38
C LYS C 158 3.51 -16.17 8.70
N ALA C 159 4.64 -16.27 9.39
CA ALA C 159 5.87 -15.70 8.92
C ALA C 159 7.00 -16.71 8.94
N TRP C 160 8.07 -16.36 8.25
CA TRP C 160 9.28 -17.17 8.25
C TRP C 160 10.13 -16.86 9.49
N LYS C 161 10.40 -15.57 9.69
CA LYS C 161 11.16 -15.11 10.85
C LYS C 161 10.39 -13.96 11.54
N ALA C 162 10.46 -13.95 12.85
CA ALA C 162 9.91 -12.84 13.63
C ALA C 162 10.96 -12.44 14.65
N ASP C 163 10.94 -11.19 15.09
CA ASP C 163 11.78 -10.81 16.21
C ASP C 163 10.99 -10.59 17.50
N THR C 164 11.69 -10.48 18.61
CA THR C 164 11.03 -10.31 19.92
C THR C 164 10.02 -9.15 19.94
N MET C 165 10.10 -8.31 18.91
CA MET C 165 9.40 -7.05 18.81
C MET C 165 8.31 -7.04 17.69
N GLY C 166 8.11 -8.20 17.07
CA GLY C 166 7.01 -8.36 16.15
C GLY C 166 7.30 -8.10 14.70
N ASN C 167 8.53 -7.69 14.39
CA ASN C 167 8.96 -7.49 13.03
C ASN C 167 8.95 -8.80 12.26
N LEU C 168 8.45 -8.78 11.02
CA LEU C 168 8.30 -10.01 10.24
C LEU C 168 8.96 -10.03 8.86
N ILE C 169 9.56 -11.18 8.57
CA ILE C 169 10.04 -11.50 7.22
C ILE C 169 9.27 -12.74 6.74
N PHE C 170 8.83 -12.70 5.49
CA PHE C 170 8.18 -13.85 4.85
C PHE C 170 9.09 -14.39 3.80
N ARG C 171 8.81 -15.60 3.33
CA ARG C 171 9.67 -16.33 2.39
C ARG C 171 8.86 -16.58 1.16
N LYS C 172 9.41 -16.25 0.00
CA LYS C 172 8.83 -16.61 -1.28
C LYS C 172 7.35 -16.26 -1.39
N THR C 173 6.59 -17.24 -1.85
CA THR C 173 5.19 -17.10 -2.15
C THR C 173 4.37 -17.24 -0.87
N ALA C 174 5.05 -17.47 0.26
CA ALA C 174 4.43 -17.67 1.58
C ALA C 174 3.88 -16.39 2.24
N ARG C 175 4.13 -15.27 1.59
CA ARG C 175 3.79 -13.91 2.03
C ARG C 175 2.34 -13.62 1.75
N ASN C 176 1.95 -13.67 0.47
CA ASN C 176 0.58 -13.40 0.04
C ASN C 176 -0.17 -12.38 0.91
N PHE C 177 -1.16 -12.82 1.67
CA PHE C 177 -2.05 -11.94 2.41
C PHE C 177 -1.50 -11.55 3.80
N ASN C 178 -0.40 -12.18 4.20
CA ASN C 178 0.05 -12.09 5.58
C ASN C 178 0.38 -10.63 6.02
N PRO C 179 1.19 -9.89 5.24
CA PRO C 179 1.52 -8.50 5.61
C PRO C 179 0.28 -7.64 5.77
N ILE C 180 -0.70 -7.84 4.92
CA ILE C 180 -1.88 -6.98 4.97
C ILE C 180 -2.83 -7.41 6.05
N ALA C 181 -2.93 -8.71 6.29
CA ALA C 181 -3.84 -9.21 7.33
C ALA C 181 -3.33 -8.73 8.70
N ALA C 182 -2.01 -8.68 8.83
CA ALA C 182 -1.37 -8.12 10.01
C ALA C 182 -1.86 -6.69 10.31
N MET C 183 -2.06 -5.87 9.28
CA MET C 183 -2.48 -4.47 9.53
C MET C 183 -3.91 -4.31 10.00
N ALA C 184 -4.76 -5.20 9.51
CA ALA C 184 -6.20 -5.10 9.75
C ALA C 184 -6.69 -5.64 11.11
N GLY C 185 -5.90 -6.47 11.78
CA GLY C 185 -6.36 -7.03 13.04
C GLY C 185 -6.11 -6.10 14.21
N LYS C 186 -7.13 -5.88 15.02
CA LYS C 186 -6.96 -5.10 16.25
C LYS C 186 -5.88 -5.75 17.13
N ILE C 187 -6.06 -7.02 17.49
CA ILE C 187 -4.98 -7.79 18.08
C ILE C 187 -4.37 -8.69 17.01
N THR C 188 -3.04 -8.60 16.79
CA THR C 188 -2.37 -9.42 15.79
C THR C 188 -1.38 -10.37 16.42
N ILE C 189 -1.55 -11.64 16.05
CA ILE C 189 -0.73 -12.72 16.48
C ILE C 189 -0.04 -13.30 15.28
N ALA C 190 1.29 -13.36 15.34
CA ALA C 190 2.05 -13.87 14.24
C ALA C 190 2.66 -15.22 14.62
N GLU C 191 2.58 -16.18 13.71
CA GLU C 191 3.14 -17.51 13.92
C GLU C 191 4.41 -17.64 13.06
N ALA C 192 5.53 -17.99 13.70
CA ALA C 192 6.82 -17.89 13.03
C ALA C 192 7.61 -19.16 13.07
N GLU C 193 8.22 -19.49 11.94
CA GLU C 193 9.02 -20.71 11.91
C GLU C 193 10.24 -20.48 12.79
N GLU C 194 10.82 -19.28 12.66
CA GLU C 194 11.99 -18.84 13.43
C GLU C 194 11.70 -17.55 14.22
N ILE C 195 12.11 -17.56 15.48
CA ILE C 195 12.07 -16.38 16.34
C ILE C 195 13.52 -15.98 16.54
N VAL C 196 13.80 -14.70 16.35
CA VAL C 196 15.10 -14.16 16.70
C VAL C 196 14.93 -12.95 17.60
N GLU C 197 15.98 -12.62 18.34
CA GLU C 197 15.99 -11.39 19.13
C GLU C 197 15.97 -10.11 18.30
N ALA C 198 15.39 -9.05 18.85
CA ALA C 198 15.27 -7.82 18.07
C ALA C 198 16.66 -7.22 17.84
N GLY C 199 16.84 -6.75 16.61
CA GLY C 199 18.16 -6.34 16.15
C GLY C 199 18.79 -7.40 15.26
N GLU C 200 18.22 -8.60 15.29
CA GLU C 200 18.76 -9.68 14.45
C GLU C 200 18.26 -9.55 13.01
N LEU C 201 17.15 -8.86 12.80
CA LEU C 201 16.63 -8.70 11.46
C LEU C 201 16.99 -7.34 10.84
N ASP C 202 17.60 -7.38 9.65
CA ASP C 202 17.93 -6.17 8.90
C ASP C 202 16.70 -5.30 8.62
N PRO C 203 16.74 -4.05 9.08
CA PRO C 203 15.62 -3.11 8.97
C PRO C 203 15.13 -2.95 7.52
N ASP C 204 16.04 -3.06 6.55
CA ASP C 204 15.65 -2.97 5.14
C ASP C 204 15.18 -4.30 4.54
N HIS C 205 15.13 -5.37 5.34
CA HIS C 205 14.64 -6.66 4.89
C HIS C 205 13.26 -6.93 5.46
N ILE C 206 12.96 -6.27 6.56
CA ILE C 206 11.69 -6.42 7.25
C ILE C 206 10.51 -6.17 6.33
N HIS C 207 9.54 -7.09 6.31
CA HIS C 207 8.38 -6.94 5.43
C HIS C 207 7.18 -6.31 6.14
N THR C 208 6.91 -6.78 7.36
CA THR C 208 5.90 -6.13 8.17
C THR C 208 6.48 -5.66 9.48
N PRO C 209 6.52 -4.34 9.66
CA PRO C 209 7.04 -3.71 10.86
C PRO C 209 6.32 -4.20 12.10
N GLY C 210 7.06 -4.22 13.23
CA GLY C 210 6.57 -4.74 14.49
C GLY C 210 5.40 -4.00 15.06
N ILE C 211 5.19 -2.77 14.60
CA ILE C 211 4.06 -1.99 15.02
C ILE C 211 2.75 -2.76 14.86
N TYR C 212 2.57 -3.48 13.74
CA TYR C 212 1.32 -4.23 13.47
C TYR C 212 1.11 -5.57 14.22
N VAL C 213 2.13 -5.98 14.97
CA VAL C 213 2.13 -7.29 15.59
C VAL C 213 2.13 -7.14 17.11
N GLN C 214 1.22 -7.83 17.79
CA GLN C 214 1.17 -7.65 19.23
C GLN C 214 1.72 -8.86 20.00
N HIS C 215 1.73 -10.02 19.32
CA HIS C 215 2.13 -11.30 19.90
C HIS C 215 2.76 -12.19 18.86
N VAL C 216 3.76 -12.96 19.30
CA VAL C 216 4.56 -13.75 18.42
C VAL C 216 4.62 -15.15 18.98
N VAL C 217 4.45 -16.14 18.12
CA VAL C 217 4.44 -17.51 18.59
C VAL C 217 5.24 -18.38 17.63
N LEU C 218 5.86 -19.43 18.15
CA LEU C 218 6.67 -20.33 17.33
C LEU C 218 5.84 -21.42 16.63
N GLY C 219 6.06 -21.61 15.32
CA GLY C 219 5.28 -22.54 14.46
C GLY C 219 6.21 -23.66 13.95
N ALA C 220 5.64 -24.79 13.50
CA ALA C 220 6.47 -25.82 12.82
C ALA C 220 6.79 -25.38 11.36
N SER C 221 7.89 -25.87 10.84
CA SER C 221 8.28 -25.49 9.48
C SER C 221 8.38 -26.80 8.63
N GLN C 222 8.17 -27.97 9.25
CA GLN C 222 8.05 -29.23 8.50
C GLN C 222 6.58 -29.67 8.30
N GLU C 223 5.65 -29.00 9.03
CA GLU C 223 4.25 -29.35 8.93
C GLU C 223 3.64 -28.52 7.82
N LYS C 224 4.47 -27.72 7.15
CA LYS C 224 4.04 -27.04 5.92
C LYS C 224 3.60 -28.09 4.90
N ARG C 225 2.42 -27.87 4.34
CA ARG C 225 1.77 -28.89 3.53
C ARG C 225 1.67 -28.45 2.10
N ILE C 226 1.62 -29.43 1.20
CA ILE C 226 1.57 -29.18 -0.22
C ILE C 226 0.32 -29.81 -0.81
N GLU C 227 -0.46 -28.99 -1.51
CA GLU C 227 -1.71 -29.47 -2.11
C GLU C 227 -1.42 -30.27 -3.36
N LYS C 228 -0.68 -29.66 -4.29
CA LYS C 228 -0.23 -30.37 -5.49
C LYS C 228 1.30 -30.47 -5.54
N ARG C 229 1.81 -31.70 -5.42
CA ARG C 229 3.24 -31.98 -5.60
C ARG C 229 3.58 -32.22 -7.07
N THR C 230 3.71 -31.10 -7.82
CA THR C 230 3.92 -31.20 -9.27
C THR C 230 5.38 -31.07 -9.67
N VAL C 231 6.02 -32.20 -9.99
CA VAL C 231 7.47 -32.27 -10.16
C VAL C 231 7.90 -32.76 -11.54
N GLN C 232 8.95 -32.15 -12.07
CA GLN C 232 9.51 -32.55 -13.36
C GLN C 232 10.42 -33.76 -13.20
N LYS D 5 -8.36 -35.69 -28.30
CA LYS D 5 -7.78 -34.79 -27.26
C LYS D 5 -6.85 -33.73 -27.83
N GLU D 6 -6.30 -34.02 -29.02
CA GLU D 6 -5.38 -33.11 -29.72
C GLU D 6 -5.97 -31.70 -29.85
N ALA D 7 -7.30 -31.62 -29.77
CA ALA D 7 -8.02 -30.36 -29.76
C ALA D 7 -7.26 -29.31 -28.94
N ARG D 8 -7.03 -29.62 -27.67
CA ARG D 8 -6.33 -28.74 -26.73
C ARG D 8 -4.85 -28.45 -27.11
N LYS D 9 -4.22 -29.40 -27.80
CA LYS D 9 -2.86 -29.24 -28.29
C LYS D 9 -2.82 -28.16 -29.38
N ARG D 10 -3.82 -28.17 -30.27
CA ARG D 10 -4.03 -27.07 -31.23
C ARG D 10 -4.30 -25.75 -30.50
N MET D 11 -4.96 -25.84 -29.35
CA MET D 11 -5.35 -24.65 -28.59
C MET D 11 -4.22 -23.93 -27.84
N VAL D 12 -3.30 -24.70 -27.27
CA VAL D 12 -2.15 -24.13 -26.56
C VAL D 12 -1.09 -23.62 -27.56
N LYS D 13 -0.81 -24.43 -28.59
CA LYS D 13 0.13 -24.04 -29.65
C LYS D 13 -0.22 -22.64 -30.16
N ARG D 14 -1.49 -22.48 -30.53
CA ARG D 14 -2.02 -21.21 -30.97
C ARG D 14 -1.95 -20.11 -29.90
N ALA D 15 -2.05 -20.49 -28.62
CA ALA D 15 -2.00 -19.50 -27.52
C ALA D 15 -0.61 -18.90 -27.27
N VAL D 16 0.43 -19.69 -27.51
CA VAL D 16 1.81 -19.22 -27.45
C VAL D 16 2.00 -17.98 -28.32
N GLN D 17 1.22 -17.90 -29.40
CA GLN D 17 1.39 -16.86 -30.40
C GLN D 17 0.83 -15.48 -30.01
N GLU D 18 0.09 -15.41 -28.92
CA GLU D 18 -0.43 -14.12 -28.49
C GLU D 18 0.59 -13.39 -27.68
N ILE D 19 1.62 -14.11 -27.25
CA ILE D 19 2.61 -13.60 -26.27
C ILE D 19 3.93 -13.06 -26.84
N LYS D 20 4.12 -11.74 -26.87
CA LYS D 20 5.30 -11.19 -27.52
C LYS D 20 6.47 -11.05 -26.55
N ASP D 21 7.67 -10.81 -27.06
CA ASP D 21 8.88 -10.63 -26.25
C ASP D 21 8.74 -9.43 -25.34
N GLY D 22 9.23 -9.56 -24.11
CA GLY D 22 9.18 -8.46 -23.16
C GLY D 22 7.90 -8.34 -22.36
N MET D 23 6.87 -9.07 -22.75
CA MET D 23 5.57 -9.04 -22.05
C MET D 23 5.62 -9.53 -20.58
N ASN D 24 4.68 -9.06 -19.77
CA ASN D 24 4.45 -9.63 -18.45
C ASN D 24 3.08 -10.29 -18.50
N VAL D 25 3.06 -11.61 -18.35
CA VAL D 25 1.88 -12.38 -18.71
C VAL D 25 1.28 -13.05 -17.50
N ASN D 26 -0.03 -13.11 -17.43
CA ASN D 26 -0.68 -13.93 -16.42
C ASN D 26 -1.48 -15.08 -17.01
N LEU D 27 -1.10 -16.28 -16.60
CA LEU D 27 -1.75 -17.51 -17.02
C LEU D 27 -2.75 -17.94 -15.98
N GLY D 28 -4.03 -18.01 -16.38
CA GLY D 28 -5.12 -18.46 -15.51
C GLY D 28 -5.00 -19.94 -15.19
N ILE D 29 -5.60 -20.37 -14.06
CA ILE D 29 -5.59 -21.80 -13.68
C ILE D 29 -6.27 -22.64 -14.76
N GLY D 30 -5.83 -23.89 -14.90
CA GLY D 30 -6.43 -24.82 -15.82
C GLY D 30 -5.62 -24.78 -17.09
N MET D 31 -6.34 -24.70 -18.21
CA MET D 31 -5.72 -24.79 -19.52
C MET D 31 -4.57 -23.77 -19.77
N PRO D 32 -4.79 -22.48 -19.47
CA PRO D 32 -3.77 -21.53 -19.89
C PRO D 32 -2.39 -21.77 -19.30
N THR D 33 -2.33 -22.44 -18.15
CA THR D 33 -1.04 -22.62 -17.50
C THR D 33 -0.13 -23.56 -18.30
N LEU D 34 -0.74 -24.33 -19.21
CA LEU D 34 0.02 -25.27 -20.02
C LEU D 34 0.93 -24.55 -21.02
N VAL D 35 0.52 -23.34 -21.39
CA VAL D 35 1.25 -22.53 -22.36
C VAL D 35 2.70 -22.34 -21.91
N ALA D 36 2.88 -22.15 -20.60
CA ALA D 36 4.20 -21.97 -19.98
C ALA D 36 5.30 -22.80 -20.64
N ASN D 37 4.96 -24.03 -20.98
CA ASN D 37 5.91 -25.04 -21.43
C ASN D 37 6.07 -25.08 -22.94
N GLU D 38 5.70 -23.98 -23.60
CA GLU D 38 5.79 -23.87 -25.04
C GLU D 38 6.41 -22.55 -25.44
N ILE D 39 6.74 -21.73 -24.44
CA ILE D 39 7.44 -20.48 -24.69
C ILE D 39 8.78 -20.82 -25.31
N PRO D 40 9.00 -20.37 -26.55
CA PRO D 40 10.26 -20.62 -27.27
C PRO D 40 11.42 -19.87 -26.62
N ASP D 41 12.65 -20.32 -26.89
CA ASP D 41 13.83 -19.68 -26.34
C ASP D 41 13.88 -18.19 -26.68
N GLY D 42 13.64 -17.87 -27.96
CA GLY D 42 13.67 -16.50 -28.44
C GLY D 42 12.94 -15.48 -27.58
N VAL D 43 11.89 -15.96 -26.85
CA VAL D 43 10.97 -15.05 -26.16
C VAL D 43 11.28 -14.87 -24.65
N HIS D 44 11.87 -13.72 -24.31
CA HIS D 44 12.21 -13.43 -22.92
C HIS D 44 11.09 -12.66 -22.23
N VAL D 45 10.52 -13.27 -21.19
CA VAL D 45 9.31 -12.76 -20.56
C VAL D 45 9.18 -13.23 -19.12
N MET D 46 8.39 -12.49 -18.35
CA MET D 46 8.13 -12.82 -16.95
C MET D 46 6.67 -13.19 -16.76
N LEU D 47 6.47 -14.32 -16.09
CA LEU D 47 5.15 -14.89 -15.78
C LEU D 47 4.72 -14.57 -14.36
N GLN D 48 3.56 -13.93 -14.21
CA GLN D 48 3.07 -13.46 -12.93
C GLN D 48 2.08 -14.45 -12.29
N SER D 49 2.37 -14.81 -11.06
CA SER D 49 1.42 -15.55 -10.24
C SER D 49 0.74 -14.58 -9.26
N GLU D 50 -0.59 -14.50 -9.32
CA GLU D 50 -1.36 -13.54 -8.50
C GLU D 50 -1.23 -13.71 -6.99
N ASN D 51 -0.63 -14.82 -6.57
CA ASN D 51 -0.31 -15.01 -5.15
C ASN D 51 0.99 -14.30 -4.69
N GLY D 52 1.66 -13.61 -5.61
CA GLY D 52 2.78 -12.73 -5.22
C GLY D 52 4.15 -13.10 -5.77
N LEU D 53 4.19 -13.61 -6.99
CA LEU D 53 5.47 -13.91 -7.60
C LEU D 53 5.43 -13.37 -9.00
N LEU D 54 6.45 -12.59 -9.34
CA LEU D 54 6.70 -12.23 -10.72
C LEU D 54 7.93 -13.01 -11.14
N GLY D 55 7.73 -13.94 -12.08
CA GLY D 55 8.80 -14.85 -12.52
C GLY D 55 8.62 -16.36 -12.30
N ILE D 56 7.38 -16.84 -12.47
CA ILE D 56 7.05 -18.26 -12.52
C ILE D 56 7.94 -19.09 -13.48
N GLY D 57 8.52 -20.18 -12.98
CA GLY D 57 9.35 -21.06 -13.79
C GLY D 57 8.79 -22.47 -13.74
N PRO D 58 9.44 -23.44 -14.43
CA PRO D 58 8.88 -24.78 -14.56
C PRO D 58 8.81 -25.52 -13.23
N TYR D 59 8.21 -26.71 -13.24
CA TYR D 59 8.08 -27.54 -12.05
C TYR D 59 9.42 -28.05 -11.49
N PRO D 60 9.53 -28.16 -10.15
CA PRO D 60 10.79 -28.47 -9.48
C PRO D 60 11.17 -29.94 -9.54
N LEU D 61 12.47 -30.20 -9.42
CA LEU D 61 13.01 -31.53 -9.37
C LEU D 61 12.59 -32.27 -8.11
N GLU D 62 12.15 -33.52 -8.26
CA GLU D 62 11.79 -34.33 -7.11
C GLU D 62 12.75 -34.15 -5.96
N GLY D 63 12.22 -33.88 -4.77
CA GLY D 63 13.03 -33.76 -3.57
C GLY D 63 13.49 -32.33 -3.36
N THR D 64 13.01 -31.45 -4.23
CA THR D 64 13.37 -30.05 -4.20
C THR D 64 12.18 -29.12 -4.31
N GLU D 65 10.99 -29.69 -4.35
CA GLU D 65 9.78 -28.88 -4.22
C GLU D 65 9.89 -28.12 -2.91
N ASP D 66 9.18 -27.01 -2.83
CA ASP D 66 9.15 -26.22 -1.61
C ASP D 66 7.72 -25.76 -1.32
N ALA D 67 7.22 -26.14 -0.14
CA ALA D 67 5.88 -25.75 0.33
C ALA D 67 5.57 -24.25 0.23
N ASP D 68 6.59 -23.43 0.44
CA ASP D 68 6.44 -21.97 0.40
C ASP D 68 6.38 -21.41 -1.02
N LEU D 69 6.58 -22.25 -2.04
CA LEU D 69 6.66 -21.77 -3.42
C LEU D 69 5.68 -22.48 -4.37
N ILE D 70 4.57 -21.82 -4.69
CA ILE D 70 3.48 -22.46 -5.46
C ILE D 70 2.88 -21.47 -6.45
N ASN D 71 2.11 -22.00 -7.42
CA ASN D 71 1.36 -21.14 -8.32
C ASN D 71 -0.06 -20.89 -7.76
N ALA D 72 -0.84 -20.06 -8.44
CA ALA D 72 -2.18 -19.79 -7.95
C ALA D 72 -3.05 -21.03 -7.93
N GLY D 73 -2.70 -22.04 -8.72
CA GLY D 73 -3.46 -23.31 -8.73
C GLY D 73 -3.04 -24.28 -7.63
N LYS D 74 -2.11 -23.83 -6.77
CA LYS D 74 -1.66 -24.62 -5.62
C LYS D 74 -0.61 -25.69 -5.98
N GLU D 75 -0.19 -25.72 -7.25
CA GLU D 75 0.91 -26.55 -7.70
C GLU D 75 2.30 -26.02 -7.33
N THR D 76 3.11 -26.92 -6.81
CA THR D 76 4.49 -26.67 -6.47
C THR D 76 5.24 -26.27 -7.76
N ILE D 77 6.02 -25.17 -7.69
CA ILE D 77 6.63 -24.56 -8.89
C ILE D 77 8.09 -24.08 -8.68
N THR D 78 8.60 -23.28 -9.61
CA THR D 78 9.99 -22.82 -9.61
C THR D 78 10.06 -21.32 -9.91
N GLU D 79 11.03 -20.60 -9.33
CA GLU D 79 11.25 -19.16 -9.65
C GLU D 79 12.32 -19.04 -10.71
N VAL D 80 12.28 -18.00 -11.53
CA VAL D 80 13.38 -17.80 -12.54
C VAL D 80 14.45 -16.81 -12.07
N THR D 81 15.38 -16.52 -12.98
CA THR D 81 16.40 -15.52 -12.73
C THR D 81 15.81 -14.11 -12.63
N GLY D 82 16.20 -13.40 -11.56
CA GLY D 82 15.75 -12.03 -11.29
C GLY D 82 14.26 -11.99 -11.11
N ALA D 83 13.70 -13.02 -10.48
CA ALA D 83 12.28 -12.99 -10.10
C ALA D 83 12.09 -12.06 -8.90
N SER D 84 10.83 -11.77 -8.56
CA SER D 84 10.54 -11.03 -7.34
C SER D 84 9.26 -11.54 -6.68
N TYR D 85 9.21 -11.36 -5.36
CA TYR D 85 8.10 -11.73 -4.52
C TYR D 85 7.51 -10.47 -3.93
N PHE D 86 6.20 -10.46 -3.74
CA PHE D 86 5.50 -9.30 -3.20
C PHE D 86 4.19 -9.81 -2.56
N ASP D 87 3.47 -8.91 -1.90
CA ASP D 87 2.32 -9.37 -1.17
C ASP D 87 1.09 -9.17 -2.05
N SER D 88 -0.03 -9.72 -1.59
CA SER D 88 -1.28 -9.73 -2.33
C SER D 88 -1.80 -8.35 -2.72
N ALA D 89 -1.86 -7.39 -1.80
CA ALA D 89 -2.24 -6.05 -2.25
C ALA D 89 -1.37 -5.56 -3.42
N GLU D 90 -0.05 -5.76 -3.35
N GLU D 90 -0.05 -5.74 -3.36
CA GLU D 90 0.86 -5.31 -4.40
CA GLU D 90 0.86 -5.27 -4.41
C GLU D 90 0.55 -5.95 -5.73
C GLU D 90 0.59 -5.96 -5.74
N SER D 91 0.32 -7.26 -5.64
CA SER D 91 0.07 -8.11 -6.79
C SER D 91 -1.15 -7.62 -7.56
N PHE D 92 -2.12 -7.09 -6.83
CA PHE D 92 -3.33 -6.67 -7.50
C PHE D 92 -3.28 -5.21 -7.91
N ALA D 93 -2.35 -4.46 -7.30
CA ALA D 93 -1.95 -3.15 -7.78
C ALA D 93 -1.34 -3.32 -9.19
N MET D 94 -0.41 -4.24 -9.33
CA MET D 94 0.16 -4.53 -10.63
C MET D 94 -0.94 -4.85 -11.64
N ILE D 95 -1.88 -5.72 -11.24
CA ILE D 95 -2.99 -6.20 -12.08
C ILE D 95 -4.07 -5.12 -12.34
N ARG D 96 -4.59 -4.56 -11.28
CA ARG D 96 -5.67 -3.58 -11.39
C ARG D 96 -5.17 -2.34 -12.10
N GLY D 97 -3.91 -1.95 -11.85
CA GLY D 97 -3.33 -0.76 -12.44
C GLY D 97 -2.91 -0.92 -13.89
N GLY D 98 -3.08 -2.09 -14.48
CA GLY D 98 -2.92 -2.15 -15.93
C GLY D 98 -1.51 -2.47 -16.36
N HIS D 99 -0.67 -2.90 -15.42
CA HIS D 99 0.72 -3.20 -15.71
C HIS D 99 0.84 -4.52 -16.42
N ILE D 100 -0.10 -5.45 -16.17
CA ILE D 100 -0.07 -6.75 -16.81
C ILE D 100 -0.46 -6.69 -18.31
N ASP D 101 0.54 -6.93 -19.14
CA ASP D 101 0.40 -6.92 -20.58
C ASP D 101 -0.68 -7.80 -21.18
N LEU D 102 -0.79 -9.02 -20.67
CA LEU D 102 -1.67 -10.02 -21.27
C LEU D 102 -2.08 -11.04 -20.22
N ALA D 103 -3.38 -11.36 -20.22
CA ALA D 103 -3.93 -12.43 -19.40
C ALA D 103 -4.60 -13.46 -20.27
N ILE D 104 -4.30 -14.72 -20.01
CA ILE D 104 -4.98 -15.81 -20.69
C ILE D 104 -5.85 -16.55 -19.70
N LEU D 105 -7.10 -16.77 -20.06
CA LEU D 105 -8.03 -17.53 -19.20
C LEU D 105 -8.90 -18.52 -19.98
N GLY D 106 -9.45 -19.49 -19.24
CA GLY D 106 -10.46 -20.40 -19.75
C GLY D 106 -11.84 -19.80 -19.57
N GLY D 107 -12.87 -20.54 -19.98
CA GLY D 107 -14.21 -20.03 -19.91
C GLY D 107 -15.20 -21.14 -20.04
N MET D 108 -16.34 -20.96 -19.40
CA MET D 108 -17.47 -21.88 -19.53
C MET D 108 -18.37 -21.38 -20.65
N GLU D 109 -18.28 -20.08 -20.95
CA GLU D 109 -19.05 -19.39 -22.00
C GLU D 109 -18.36 -18.08 -22.40
N VAL D 110 -18.52 -17.68 -23.65
CA VAL D 110 -18.25 -16.30 -24.09
C VAL D 110 -19.48 -15.83 -24.86
N SER D 111 -19.98 -14.64 -24.54
CA SER D 111 -21.11 -14.07 -25.29
C SER D 111 -20.60 -13.50 -26.60
N GLU D 112 -21.50 -12.93 -27.38
CA GLU D 112 -21.14 -12.35 -28.65
C GLU D 112 -20.38 -11.06 -28.49
N GLN D 113 -20.71 -10.27 -27.46
CA GLN D 113 -20.02 -9.00 -27.21
C GLN D 113 -18.70 -9.26 -26.48
N GLY D 114 -18.38 -10.53 -26.32
CA GLY D 114 -17.20 -10.93 -25.58
C GLY D 114 -17.40 -10.75 -24.08
N ASP D 115 -18.54 -11.17 -23.56
CA ASP D 115 -18.64 -11.34 -22.13
C ASP D 115 -18.07 -12.71 -21.80
N LEU D 116 -17.44 -12.83 -20.64
CA LEU D 116 -16.93 -14.11 -20.20
C LEU D 116 -17.60 -14.57 -18.91
N ALA D 117 -17.93 -15.85 -18.87
CA ALA D 117 -18.31 -16.53 -17.63
C ALA D 117 -17.32 -17.67 -17.47
N ASN D 118 -16.55 -17.64 -16.37
CA ASN D 118 -15.66 -18.76 -16.06
C ASN D 118 -15.53 -19.08 -14.58
N TRP D 119 -16.43 -18.57 -13.74
CA TRP D 119 -16.29 -18.81 -12.30
C TRP D 119 -17.35 -19.66 -11.61
N MET D 120 -18.53 -19.84 -12.20
CA MET D 120 -19.59 -20.54 -11.46
C MET D 120 -20.75 -21.17 -12.26
N ILE D 121 -21.27 -22.27 -11.73
CA ILE D 121 -22.53 -22.85 -12.23
C ILE D 121 -23.57 -22.93 -11.12
N PRO D 122 -24.64 -22.11 -11.23
CA PRO D 122 -25.76 -22.10 -10.28
C PRO D 122 -26.13 -23.52 -9.92
N GLY D 123 -26.25 -23.78 -8.61
CA GLY D 123 -26.36 -25.14 -8.10
C GLY D 123 -25.04 -25.91 -8.26
N MET D 125 -21.79 -26.39 -8.59
CA MET D 125 -20.36 -26.12 -8.68
C MET D 125 -20.03 -24.63 -8.51
N VAL D 126 -19.41 -24.29 -7.38
CA VAL D 126 -19.03 -22.91 -7.13
C VAL D 126 -17.62 -22.79 -6.58
N LYS D 127 -16.63 -22.90 -7.46
CA LYS D 127 -15.24 -22.67 -7.09
C LYS D 127 -15.00 -21.24 -6.64
N GLY D 128 -15.45 -20.28 -7.44
CA GLY D 128 -15.30 -18.86 -7.10
C GLY D 128 -14.33 -18.14 -8.03
N MET D 129 -14.40 -16.82 -8.01
CA MET D 129 -13.79 -16.01 -9.07
C MET D 129 -12.26 -15.95 -8.97
N GLY D 130 -11.74 -16.02 -7.75
CA GLY D 130 -10.33 -15.79 -7.51
C GLY D 130 -9.88 -14.47 -8.12
N GLY D 131 -8.76 -14.48 -8.84
CA GLY D 131 -8.23 -13.28 -9.47
C GLY D 131 -8.82 -12.92 -10.83
N ALA D 132 -9.66 -13.80 -11.37
CA ALA D 132 -10.24 -13.62 -12.71
C ALA D 132 -10.85 -12.24 -13.04
N MET D 133 -11.73 -11.76 -12.15
CA MET D 133 -12.41 -10.47 -12.31
C MET D 133 -11.45 -9.30 -12.40
N ASP D 134 -10.39 -9.34 -11.59
CA ASP D 134 -9.38 -8.27 -11.60
C ASP D 134 -8.60 -8.33 -12.90
N LEU D 135 -8.23 -9.55 -13.26
CA LEU D 135 -7.48 -9.82 -14.46
C LEU D 135 -8.22 -9.28 -15.67
N VAL D 136 -9.45 -9.71 -15.81
CA VAL D 136 -10.31 -9.36 -16.92
C VAL D 136 -10.55 -7.85 -17.09
N ASN D 137 -10.47 -7.10 -15.98
CA ASN D 137 -10.66 -5.64 -16.03
C ASN D 137 -9.35 -4.83 -16.03
N GLY D 138 -8.21 -5.45 -15.73
CA GLY D 138 -6.94 -4.69 -15.64
C GLY D 138 -5.87 -5.05 -16.66
N ALA D 139 -5.86 -6.31 -17.10
CA ALA D 139 -4.95 -6.70 -18.15
C ALA D 139 -5.35 -5.93 -19.40
N LYS D 140 -4.35 -5.51 -20.16
CA LYS D 140 -4.62 -4.71 -21.32
C LYS D 140 -5.09 -5.58 -22.45
N ARG D 141 -4.70 -6.86 -22.38
CA ARG D 141 -5.01 -7.84 -23.39
C ARG D 141 -5.65 -9.09 -22.74
N ILE D 142 -6.88 -9.41 -23.14
CA ILE D 142 -7.63 -10.56 -22.62
C ILE D 142 -7.83 -11.66 -23.66
N VAL D 143 -7.24 -12.82 -23.39
CA VAL D 143 -7.33 -13.95 -24.30
C VAL D 143 -7.91 -15.20 -23.60
N VAL D 144 -9.01 -15.72 -24.15
CA VAL D 144 -9.64 -16.94 -23.66
C VAL D 144 -9.32 -18.12 -24.56
N ILE D 145 -8.79 -19.18 -23.97
CA ILE D 145 -8.75 -20.47 -24.65
C ILE D 145 -9.69 -21.46 -23.97
N MET D 146 -10.60 -22.00 -24.74
CA MET D 146 -11.72 -22.75 -24.20
C MET D 146 -12.22 -23.69 -25.29
N GLU D 147 -12.65 -24.89 -24.87
CA GLU D 147 -13.29 -25.82 -25.79
C GLU D 147 -14.57 -25.20 -26.35
N HIS D 148 -14.88 -25.48 -27.61
CA HIS D 148 -15.95 -24.75 -28.30
C HIS D 148 -17.36 -25.18 -27.85
N VAL D 149 -17.55 -26.46 -27.54
CA VAL D 149 -18.87 -27.01 -27.17
C VAL D 149 -18.80 -27.82 -25.85
N ASN D 150 -19.95 -28.04 -25.23
CA ASN D 150 -20.04 -28.83 -23.99
C ASN D 150 -19.92 -30.34 -24.22
N SER D 155 -23.19 -26.20 -27.00
CA SER D 155 -22.26 -25.13 -27.40
C SER D 155 -21.91 -24.18 -26.25
N LYS D 156 -20.78 -23.50 -26.40
CA LYS D 156 -20.24 -22.62 -25.38
C LYS D 156 -19.99 -21.22 -25.93
N VAL D 157 -20.15 -21.06 -27.23
CA VAL D 157 -19.98 -19.75 -27.87
C VAL D 157 -21.35 -19.13 -28.11
N LYS D 158 -21.75 -18.30 -27.15
CA LYS D 158 -23.14 -17.91 -26.95
C LYS D 158 -23.48 -16.57 -27.59
N LYS D 159 -24.75 -16.40 -27.91
CA LYS D 159 -25.26 -15.08 -28.26
C LYS D 159 -25.44 -14.25 -27.00
N THR D 160 -25.94 -14.89 -25.95
CA THR D 160 -26.00 -14.27 -24.62
C THR D 160 -25.57 -15.31 -23.58
N CYS D 161 -24.81 -14.90 -22.57
CA CYS D 161 -24.38 -15.85 -21.53
C CYS D 161 -25.54 -16.32 -20.66
N SER D 162 -25.43 -17.52 -20.09
CA SER D 162 -26.40 -17.97 -19.10
C SER D 162 -25.76 -17.99 -17.71
N LEU D 163 -24.58 -18.59 -17.62
CA LEU D 163 -23.85 -18.63 -16.35
C LEU D 163 -23.45 -17.21 -15.90
N PRO D 164 -23.31 -16.99 -14.57
CA PRO D 164 -22.90 -15.67 -14.06
C PRO D 164 -21.61 -15.18 -14.70
N LEU D 165 -21.57 -13.90 -15.08
CA LEU D 165 -20.45 -13.27 -15.79
C LEU D 165 -19.25 -13.06 -14.91
N THR D 166 -18.08 -13.38 -15.43
CA THR D 166 -16.78 -13.06 -14.82
C THR D 166 -16.50 -11.61 -15.16
N GLY D 167 -16.88 -11.28 -16.40
CA GLY D 167 -16.60 -9.99 -17.01
C GLY D 167 -17.50 -9.74 -18.20
N GLN D 168 -17.74 -8.47 -18.45
CA GLN D 168 -18.68 -8.04 -19.45
C GLN D 168 -17.98 -7.17 -20.48
N LYS D 169 -17.92 -7.68 -21.71
CA LYS D 169 -17.25 -7.02 -22.84
C LYS D 169 -15.75 -6.91 -22.57
N VAL D 170 -15.14 -8.00 -22.13
CA VAL D 170 -13.78 -7.92 -21.66
C VAL D 170 -12.75 -8.63 -22.53
N VAL D 171 -13.19 -9.65 -23.26
CA VAL D 171 -12.25 -10.43 -24.07
C VAL D 171 -12.02 -9.81 -25.44
N HIS D 172 -10.76 -9.76 -25.84
CA HIS D 172 -10.39 -9.21 -27.14
C HIS D 172 -10.32 -10.35 -28.17
N ARG D 173 -9.70 -11.46 -27.77
CA ARG D 173 -9.53 -12.63 -28.62
C ARG D 173 -9.92 -13.92 -27.90
N LEU D 174 -10.71 -14.75 -28.58
CA LEU D 174 -11.06 -16.09 -28.10
C LEU D 174 -10.53 -17.13 -29.09
N ILE D 175 -9.82 -18.12 -28.56
CA ILE D 175 -9.41 -19.28 -29.36
C ILE D 175 -9.99 -20.61 -28.83
N THR D 176 -10.37 -21.48 -29.76
CA THR D 176 -10.93 -22.80 -29.44
C THR D 176 -10.30 -23.90 -30.28
N ASP D 177 -10.63 -25.14 -29.94
CA ASP D 177 -10.36 -26.30 -30.80
C ASP D 177 -10.67 -26.01 -32.27
N LEU D 178 -11.78 -25.27 -32.48
CA LEU D 178 -12.26 -25.00 -33.83
C LEU D 178 -11.46 -23.84 -34.46
N ALA D 179 -11.76 -22.56 -33.86
CA ALA D 179 -11.28 -21.37 -34.59
C ALA D 179 -10.82 -20.21 -33.70
N VAL D 180 -10.60 -19.06 -34.34
CA VAL D 180 -10.13 -17.85 -33.67
C VAL D 180 -11.10 -16.69 -33.90
N PHE D 181 -11.50 -16.03 -32.80
CA PHE D 181 -12.43 -14.89 -32.82
C PHE D 181 -11.86 -13.62 -32.18
N ASP D 182 -12.21 -12.48 -32.76
CA ASP D 182 -11.75 -11.15 -32.31
C ASP D 182 -12.91 -10.20 -32.10
N PHE D 183 -12.79 -9.35 -31.09
CA PHE D 183 -13.85 -8.40 -30.74
C PHE D 183 -13.35 -6.96 -30.84
N VAL D 184 -14.12 -6.11 -31.53
CA VAL D 184 -13.85 -4.67 -31.56
C VAL D 184 -15.13 -3.89 -31.27
N ASN D 185 -15.19 -3.30 -30.08
CA ASN D 185 -16.26 -2.37 -29.71
C ASN D 185 -17.66 -2.99 -29.80
N GLY D 186 -17.76 -4.26 -29.38
CA GLY D 186 -19.06 -4.83 -29.05
C GLY D 186 -19.50 -5.95 -29.97
N ARG D 187 -18.68 -6.24 -31.00
CA ARG D 187 -19.08 -7.16 -32.06
C ARG D 187 -17.98 -8.13 -32.48
N MET D 188 -18.39 -9.29 -33.02
CA MET D 188 -17.48 -10.42 -33.18
C MET D 188 -17.14 -10.70 -34.65
N THR D 189 -15.87 -11.05 -34.89
CA THR D 189 -15.43 -11.54 -36.20
C THR D 189 -14.68 -12.87 -36.03
N LEU D 190 -14.29 -13.50 -37.15
CA LEU D 190 -13.42 -14.67 -37.08
C LEU D 190 -12.16 -14.58 -37.92
N THR D 191 -11.05 -14.33 -37.24
CA THR D 191 -9.75 -14.10 -37.87
C THR D 191 -9.08 -15.39 -38.36
N GLU D 192 -9.56 -16.55 -37.89
CA GLU D 192 -8.88 -17.81 -38.17
C GLU D 192 -9.79 -19.03 -38.09
N LEU D 193 -9.37 -20.10 -38.77
CA LEU D 193 -10.20 -21.29 -38.98
C LEU D 193 -9.67 -22.53 -38.24
N THR D 198 -12.93 -26.84 -40.95
CA THR D 198 -13.17 -25.97 -42.10
C THR D 198 -14.14 -24.82 -41.77
N ILE D 199 -14.34 -23.95 -42.75
CA ILE D 199 -15.18 -22.76 -42.61
C ILE D 199 -16.64 -23.09 -42.28
N GLU D 200 -17.26 -23.91 -43.14
CA GLU D 200 -18.72 -24.03 -43.20
C GLU D 200 -19.32 -24.47 -41.86
N GLU D 201 -18.46 -24.96 -40.96
CA GLU D 201 -18.93 -25.65 -39.76
C GLU D 201 -19.30 -24.68 -38.65
N VAL D 202 -18.85 -23.43 -38.80
CA VAL D 202 -18.80 -22.50 -37.66
C VAL D 202 -20.14 -21.78 -37.41
N TYR D 203 -20.78 -21.32 -38.49
CA TYR D 203 -22.19 -20.91 -38.44
C TYR D 203 -22.99 -21.95 -37.64
N GLU D 204 -22.93 -23.20 -38.13
CA GLU D 204 -23.57 -24.34 -37.48
C GLU D 204 -23.20 -24.46 -35.99
N LYS D 205 -21.92 -24.29 -35.67
CA LYS D 205 -21.40 -24.69 -34.36
C LYS D 205 -21.53 -23.59 -33.30
N THR D 206 -21.40 -22.34 -33.77
CA THR D 206 -21.44 -21.21 -32.86
C THR D 206 -22.89 -20.77 -32.63
N GLU D 207 -23.28 -20.73 -31.35
CA GLU D 207 -24.56 -20.16 -30.96
C GLU D 207 -24.54 -18.64 -31.08
N ALA D 208 -23.33 -18.07 -31.07
CA ALA D 208 -23.15 -16.63 -31.26
C ALA D 208 -23.19 -16.22 -32.75
N ASP D 209 -23.40 -14.93 -32.98
CA ASP D 209 -23.36 -14.35 -34.33
C ASP D 209 -22.07 -13.57 -34.56
N PHE D 210 -21.56 -13.64 -35.79
CA PHE D 210 -20.19 -13.21 -36.10
C PHE D 210 -20.04 -12.72 -37.54
N ALA D 211 -18.94 -12.02 -37.80
CA ALA D 211 -18.61 -11.57 -39.15
C ALA D 211 -17.18 -11.95 -39.54
N VAL D 212 -16.86 -11.83 -40.84
CA VAL D 212 -15.49 -11.92 -41.39
C VAL D 212 -15.39 -11.20 -42.75
N SER D 213 -14.14 -10.86 -43.15
CA SER D 213 -13.93 -10.19 -44.44
C SER D 213 -13.24 -11.09 -45.51
#